data_4MJN
#
_entry.id   4MJN
#
_cell.length_a   144.420
_cell.length_b   99.295
_cell.length_c   123.510
_cell.angle_alpha   90.00
_cell.angle_beta   104.34
_cell.angle_gamma   90.00
#
_symmetry.space_group_name_H-M   'C 1 2 1'
#
_entity_poly.entity_id   1
_entity_poly.type   'polypeptide(L)'
_entity_poly.pdbx_seq_one_letter_code
;MNPLIAAASVIAAGLAVGLASIGPGVGQGTAAGQAVEGIARQPEAEGKIRGTLLLSLAFMEALTIYGLVVALALLFANPF
V
;
_entity_poly.pdbx_strand_id   A,B,C,D,E,F,G,H,I,J,K,L,M,N
#
# COMPACT_ATOMS: atom_id res chain seq x y z
N ASN A 2 -30.36 25.25 5.10
CA ASN A 2 -30.64 23.85 5.56
C ASN A 2 -30.52 22.85 4.37
N PRO A 3 -31.20 23.15 3.27
CA PRO A 3 -31.02 22.51 1.99
C PRO A 3 -29.57 22.46 1.48
N LEU A 4 -28.83 23.52 1.77
CA LEU A 4 -27.40 23.60 1.33
C LEU A 4 -26.60 22.41 1.92
N ILE A 5 -26.83 22.17 3.23
CA ILE A 5 -26.28 21.02 4.02
C ILE A 5 -26.75 19.63 3.56
N ALA A 6 -28.05 19.45 3.52
CA ALA A 6 -28.69 18.24 2.98
C ALA A 6 -28.16 17.86 1.60
N ALA A 7 -27.94 18.90 0.82
CA ALA A 7 -27.43 18.79 -0.59
C ALA A 7 -25.99 18.30 -0.67
N ALA A 8 -25.12 19.00 0.01
CA ALA A 8 -23.79 18.47 0.18
C ALA A 8 -23.85 16.97 0.65
N SER A 9 -24.78 16.59 1.57
CA SER A 9 -25.03 15.18 2.14
C SER A 9 -25.27 14.17 1.09
N VAL A 10 -26.30 14.48 0.38
CA VAL A 10 -26.54 13.81 -0.83
C VAL A 10 -25.29 13.77 -1.82
N ILE A 11 -24.49 14.87 -1.92
CA ILE A 11 -23.18 15.07 -2.83
C ILE A 11 -22.05 14.12 -2.47
N ALA A 12 -21.69 14.19 -1.22
CA ALA A 12 -20.87 13.17 -0.61
C ALA A 12 -21.46 11.75 -0.78
N ALA A 13 -22.69 11.45 -0.29
CA ALA A 13 -23.33 10.06 -0.37
C ALA A 13 -23.10 9.42 -1.74
N GLY A 14 -23.18 10.32 -2.70
CA GLY A 14 -22.75 10.05 -4.11
C GLY A 14 -21.28 9.68 -4.41
N LEU A 15 -20.34 10.56 -4.08
CA LEU A 15 -18.84 10.34 -4.30
C LEU A 15 -18.37 8.96 -3.84
N ALA A 16 -18.89 8.59 -2.67
CA ALA A 16 -18.50 7.39 -1.93
C ALA A 16 -19.23 6.12 -2.41
N VAL A 17 -20.19 6.29 -3.26
CA VAL A 17 -20.57 5.09 -3.91
C VAL A 17 -19.52 4.95 -5.12
N GLY A 18 -18.73 5.97 -5.47
CA GLY A 18 -17.79 5.78 -6.55
C GLY A 18 -16.58 5.03 -6.04
N LEU A 19 -16.26 5.16 -4.76
CA LEU A 19 -15.10 4.39 -4.15
C LEU A 19 -15.40 2.87 -4.11
N ALA A 20 -16.64 2.56 -3.80
CA ALA A 20 -17.05 1.15 -3.60
C ALA A 20 -16.61 0.37 -4.81
N SER A 21 -16.81 1.03 -5.92
CA SER A 21 -16.66 0.48 -7.24
C SER A 21 -15.23 0.10 -7.50
N ILE A 22 -14.37 1.01 -7.15
CA ILE A 22 -12.95 0.72 -7.20
C ILE A 22 -12.80 -0.65 -6.63
N GLY A 23 -13.00 -0.75 -5.32
CA GLY A 23 -12.44 -1.83 -4.55
C GLY A 23 -13.07 -3.09 -5.02
N PRO A 24 -14.34 -2.98 -5.43
CA PRO A 24 -15.10 -4.12 -5.91
C PRO A 24 -14.39 -4.62 -7.15
N GLY A 25 -14.10 -3.64 -8.00
CA GLY A 25 -13.49 -3.87 -9.31
C GLY A 25 -12.20 -4.62 -9.15
N VAL A 26 -11.58 -4.36 -8.03
CA VAL A 26 -10.42 -5.14 -7.64
C VAL A 26 -10.65 -6.62 -7.64
N GLY A 27 -11.45 -7.07 -6.70
CA GLY A 27 -11.50 -8.49 -6.34
C GLY A 27 -11.92 -9.28 -7.51
N GLN A 28 -12.80 -8.67 -8.23
CA GLN A 28 -13.23 -9.22 -9.46
C GLN A 28 -12.08 -9.57 -10.40
N GLY A 29 -11.28 -8.54 -10.64
CA GLY A 29 -10.08 -8.69 -11.49
C GLY A 29 -9.20 -9.87 -11.07
N THR A 30 -9.17 -10.11 -9.77
CA THR A 30 -8.31 -11.15 -9.18
C THR A 30 -8.80 -12.59 -9.54
N ALA A 31 -10.10 -12.80 -9.39
CA ALA A 31 -10.78 -14.07 -9.74
C ALA A 31 -10.39 -14.42 -11.16
N ALA A 32 -10.68 -13.47 -12.03
CA ALA A 32 -10.54 -13.63 -13.50
C ALA A 32 -9.16 -14.03 -13.98
N GLY A 33 -8.20 -13.30 -13.47
CA GLY A 33 -6.82 -13.61 -13.80
C GLY A 33 -6.53 -15.07 -13.49
N GLN A 34 -6.86 -15.42 -12.26
CA GLN A 34 -6.51 -16.76 -11.70
C GLN A 34 -7.30 -17.88 -12.36
N ALA A 35 -8.46 -17.52 -12.86
CA ALA A 35 -9.34 -18.47 -13.54
C ALA A 35 -8.84 -18.71 -14.97
N VAL A 36 -8.47 -17.65 -15.67
CA VAL A 36 -7.84 -17.77 -17.00
C VAL A 36 -6.67 -18.82 -16.98
N GLU A 37 -5.95 -18.82 -15.87
CA GLU A 37 -4.79 -19.73 -15.64
C GLU A 37 -5.27 -21.17 -15.43
N GLY A 38 -6.17 -21.30 -14.46
CA GLY A 38 -6.74 -22.62 -14.15
C GLY A 38 -7.32 -23.30 -15.40
N ILE A 39 -8.08 -22.52 -16.15
CA ILE A 39 -8.71 -23.01 -17.38
C ILE A 39 -7.69 -23.41 -18.42
N ALA A 40 -6.57 -22.71 -18.46
CA ALA A 40 -5.52 -23.02 -19.45
C ALA A 40 -5.05 -24.47 -19.27
N ARG A 41 -4.89 -24.88 -18.03
CA ARG A 41 -4.30 -26.20 -17.71
C ARG A 41 -5.11 -27.41 -18.26
N GLN A 42 -6.42 -27.43 -18.01
CA GLN A 42 -7.28 -28.57 -18.37
C GLN A 42 -8.55 -28.12 -19.09
N PRO A 43 -8.70 -28.52 -20.36
CA PRO A 43 -9.85 -28.07 -21.17
C PRO A 43 -11.19 -28.75 -20.82
N GLU A 44 -11.14 -30.07 -20.65
CA GLU A 44 -12.38 -30.86 -20.41
C GLU A 44 -13.01 -30.63 -19.02
N ALA A 45 -12.15 -30.40 -18.03
CA ALA A 45 -12.49 -30.37 -16.59
C ALA A 45 -13.54 -29.31 -16.27
N GLU A 46 -13.44 -28.20 -16.98
CA GLU A 46 -14.39 -27.08 -16.86
C GLU A 46 -15.80 -27.58 -16.99
N GLY A 47 -16.69 -26.81 -16.39
CA GLY A 47 -18.10 -27.09 -16.18
C GLY A 47 -18.44 -26.97 -14.70
N LYS A 48 -17.77 -27.76 -13.89
CA LYS A 48 -17.86 -27.60 -12.42
C LYS A 48 -17.22 -26.25 -12.09
N ILE A 49 -16.08 -26.01 -12.72
CA ILE A 49 -15.30 -24.75 -12.56
C ILE A 49 -16.14 -23.57 -13.02
N ARG A 50 -16.81 -23.77 -14.14
CA ARG A 50 -17.66 -22.72 -14.71
C ARG A 50 -18.77 -22.38 -13.73
N GLY A 51 -19.34 -23.41 -13.14
CA GLY A 51 -20.43 -23.22 -12.17
C GLY A 51 -19.93 -22.44 -10.97
N THR A 52 -18.75 -22.77 -10.51
CA THR A 52 -18.18 -22.09 -9.37
C THR A 52 -17.91 -20.63 -9.69
N LEU A 53 -17.43 -20.38 -10.90
CA LEU A 53 -17.15 -19.02 -11.37
C LEU A 53 -18.46 -18.23 -11.37
N LEU A 54 -19.50 -18.88 -11.86
CA LEU A 54 -20.80 -18.25 -11.95
C LEU A 54 -21.29 -17.87 -10.54
N LEU A 55 -21.08 -18.77 -9.59
CA LEU A 55 -21.45 -18.51 -8.19
C LEU A 55 -20.69 -17.30 -7.62
N SER A 56 -19.41 -17.26 -7.88
CA SER A 56 -18.54 -16.14 -7.39
C SER A 56 -18.88 -14.81 -8.03
N LEU A 57 -19.18 -14.87 -9.33
CA LEU A 57 -19.31 -13.68 -10.22
C LEU A 57 -20.62 -12.98 -9.94
N ALA A 58 -21.59 -13.78 -9.59
CA ALA A 58 -22.93 -13.27 -9.24
C ALA A 58 -22.98 -12.54 -7.91
N PHE A 59 -22.55 -13.25 -6.89
CA PHE A 59 -22.56 -12.72 -5.54
C PHE A 59 -21.91 -11.33 -5.43
N MET A 60 -20.90 -11.15 -6.28
CA MET A 60 -20.08 -9.93 -6.34
C MET A 60 -20.88 -8.82 -6.97
N GLU A 61 -21.39 -9.09 -8.16
CA GLU A 61 -22.23 -8.12 -8.89
C GLU A 61 -23.50 -7.77 -8.06
N ALA A 62 -23.84 -8.69 -7.19
CA ALA A 62 -25.00 -8.58 -6.34
C ALA A 62 -24.86 -7.47 -5.33
N LEU A 63 -23.83 -7.59 -4.52
CA LEU A 63 -23.62 -6.63 -3.45
C LEU A 63 -23.26 -5.22 -4.00
N THR A 64 -22.82 -5.16 -5.26
CA THR A 64 -22.47 -3.90 -5.98
C THR A 64 -23.72 -3.10 -6.39
N ILE A 65 -24.71 -3.85 -6.81
CA ILE A 65 -25.99 -3.24 -7.08
C ILE A 65 -26.65 -2.85 -5.74
N TYR A 66 -26.51 -3.74 -4.77
CA TYR A 66 -27.12 -3.59 -3.43
C TYR A 66 -26.74 -2.26 -2.84
N GLY A 67 -25.56 -1.81 -3.21
CA GLY A 67 -25.14 -0.47 -2.87
C GLY A 67 -25.88 0.54 -3.72
N LEU A 68 -25.71 0.41 -5.03
CA LEU A 68 -26.34 1.38 -5.95
C LEU A 68 -27.85 1.51 -5.62
N VAL A 69 -28.40 0.42 -5.12
CA VAL A 69 -29.81 0.34 -4.68
C VAL A 69 -30.04 1.26 -3.50
N VAL A 70 -29.21 1.08 -2.47
CA VAL A 70 -29.26 1.90 -1.26
C VAL A 70 -29.06 3.38 -1.57
N ALA A 71 -28.29 3.58 -2.62
CA ALA A 71 -27.89 4.91 -3.08
C ALA A 71 -29.12 5.70 -3.50
N LEU A 72 -29.90 5.09 -4.39
CA LEU A 72 -31.13 5.77 -4.86
C LEU A 72 -32.30 5.64 -3.85
N ALA A 73 -32.25 4.56 -3.06
CA ALA A 73 -33.29 4.22 -2.03
C ALA A 73 -33.44 5.29 -0.96
N LEU A 74 -32.36 6.03 -0.77
CA LEU A 74 -32.34 7.22 0.08
C LEU A 74 -33.21 8.35 -0.52
N LEU A 75 -32.95 8.58 -1.81
CA LEU A 75 -33.17 9.93 -2.50
C LEU A 75 -34.44 10.78 -2.12
N ASN B 2 -32.41 21.97 11.13
CA ASN B 2 -32.11 20.66 11.81
C ASN B 2 -32.10 19.53 10.79
N PRO B 3 -33.08 19.54 9.88
CA PRO B 3 -33.19 18.62 8.76
C PRO B 3 -31.99 18.77 7.83
N LEU B 4 -31.47 19.97 7.74
CA LEU B 4 -30.27 20.22 6.92
C LEU B 4 -29.07 19.35 7.32
N ILE B 5 -28.85 19.31 8.63
CA ILE B 5 -27.80 18.48 9.31
C ILE B 5 -28.02 16.96 9.23
N ALA B 6 -29.18 16.54 9.66
CA ALA B 6 -29.64 15.16 9.50
C ALA B 6 -29.44 14.67 8.04
N ALA B 7 -29.72 15.57 7.11
CA ALA B 7 -29.67 15.25 5.62
C ALA B 7 -28.26 15.04 5.06
N ALA B 8 -27.40 15.96 5.44
CA ALA B 8 -25.99 15.76 5.24
C ALA B 8 -25.55 14.40 5.85
N SER B 9 -26.06 14.02 7.05
CA SER B 9 -25.75 12.68 7.82
C SER B 9 -26.07 11.44 7.00
N VAL B 10 -27.28 11.43 6.50
CA VAL B 10 -27.73 10.44 5.49
C VAL B 10 -26.88 10.49 4.21
N ILE B 11 -26.67 11.68 3.70
CA ILE B 11 -26.04 11.79 2.44
C ILE B 11 -24.58 11.19 2.56
N ALA B 12 -23.85 11.58 3.60
CA ALA B 12 -22.56 10.95 3.91
C ALA B 12 -22.71 9.47 4.19
N ALA B 13 -23.51 9.06 5.18
CA ALA B 13 -23.75 7.60 5.56
C ALA B 13 -23.77 6.72 4.28
N GLY B 14 -24.40 7.32 3.23
CA GLY B 14 -24.55 6.77 1.83
C GLY B 14 -23.31 6.65 0.93
N LEU B 15 -22.59 7.72 0.91
CA LEU B 15 -21.25 7.67 0.40
C LEU B 15 -20.42 6.47 0.94
N ALA B 16 -20.36 6.45 2.24
CA ALA B 16 -19.36 5.66 2.96
C ALA B 16 -19.72 4.19 2.97
N VAL B 17 -20.85 3.90 2.36
CA VAL B 17 -21.13 2.52 1.92
C VAL B 17 -20.35 2.30 0.56
N GLY B 18 -20.02 3.35 -0.15
CA GLY B 18 -19.25 3.09 -1.32
C GLY B 18 -17.82 2.74 -0.99
N LEU B 19 -17.32 3.20 0.13
CA LEU B 19 -15.94 2.93 0.51
C LEU B 19 -15.76 1.46 0.85
N ALA B 20 -16.78 0.93 1.47
CA ALA B 20 -16.83 -0.51 1.82
C ALA B 20 -16.77 -1.46 0.59
N SER B 21 -17.41 -1.01 -0.47
CA SER B 21 -17.87 -1.86 -1.60
C SER B 21 -16.80 -2.62 -2.41
N ILE B 22 -15.63 -1.94 -2.56
CA ILE B 22 -14.23 -2.30 -3.06
C ILE B 22 -13.32 -3.30 -2.26
N GLY B 23 -13.26 -3.09 -0.96
CA GLY B 23 -12.66 -4.07 -0.14
C GLY B 23 -13.62 -5.10 -0.63
N PRO B 24 -14.88 -4.69 -0.76
CA PRO B 24 -15.72 -5.10 -1.87
C PRO B 24 -15.76 -6.52 -2.29
N GLY B 25 -15.57 -6.56 -3.58
CA GLY B 25 -15.31 -7.77 -4.38
C GLY B 25 -13.81 -8.01 -4.61
N VAL B 26 -12.92 -7.19 -4.03
CA VAL B 26 -11.47 -7.42 -4.24
C VAL B 26 -11.09 -8.81 -3.78
N GLY B 27 -11.63 -9.15 -2.63
CA GLY B 27 -11.61 -10.49 -2.05
C GLY B 27 -12.33 -11.49 -2.93
N GLN B 28 -13.43 -11.06 -3.50
CA GLN B 28 -14.26 -11.95 -4.32
C GLN B 28 -13.52 -12.53 -5.54
N GLY B 29 -12.76 -11.67 -6.20
CA GLY B 29 -11.95 -12.11 -7.28
C GLY B 29 -11.00 -13.21 -6.83
N THR B 30 -10.43 -13.10 -5.65
CA THR B 30 -9.33 -14.06 -5.33
C THR B 30 -9.82 -15.50 -5.27
N ALA B 31 -10.93 -15.62 -4.58
CA ALA B 31 -11.59 -16.90 -4.38
C ALA B 31 -11.72 -17.57 -5.74
N ALA B 32 -12.43 -16.87 -6.64
CA ALA B 32 -12.89 -17.34 -7.96
C ALA B 32 -11.78 -17.83 -8.79
N GLY B 33 -10.79 -16.98 -8.84
CA GLY B 33 -9.60 -17.35 -9.57
C GLY B 33 -9.08 -18.69 -9.04
N GLN B 34 -8.83 -18.69 -7.75
CA GLN B 34 -8.14 -19.79 -7.05
C GLN B 34 -8.96 -21.08 -7.10
N ALA B 35 -10.26 -20.90 -7.19
CA ALA B 35 -11.19 -22.01 -7.25
C ALA B 35 -11.21 -22.61 -8.66
N VAL B 36 -11.26 -21.79 -9.71
CA VAL B 36 -11.24 -22.35 -11.09
C VAL B 36 -9.99 -23.30 -11.27
N GLU B 37 -8.92 -22.96 -10.56
CA GLU B 37 -7.60 -23.64 -10.69
C GLU B 37 -7.67 -25.12 -10.25
N GLY B 38 -8.41 -25.37 -9.19
CA GLY B 38 -8.55 -26.73 -8.67
C GLY B 38 -9.13 -27.68 -9.71
N ILE B 39 -10.09 -27.17 -10.45
CA ILE B 39 -10.83 -27.96 -11.44
C ILE B 39 -9.94 -28.56 -12.53
N ALA B 40 -8.99 -27.77 -12.99
CA ALA B 40 -8.11 -28.21 -14.09
C ALA B 40 -7.31 -29.46 -13.71
N ARG B 41 -6.81 -29.48 -12.48
CA ARG B 41 -5.97 -30.61 -11.99
C ARG B 41 -6.72 -31.94 -12.00
N GLN B 42 -7.97 -31.91 -11.56
CA GLN B 42 -8.78 -33.14 -11.46
C GLN B 42 -10.20 -32.90 -11.98
N PRO B 43 -10.84 -33.96 -12.48
CA PRO B 43 -12.23 -33.86 -12.95
C PRO B 43 -13.18 -33.48 -11.84
N GLU B 44 -12.98 -34.09 -10.68
CA GLU B 44 -13.72 -33.69 -9.47
C GLU B 44 -13.33 -32.26 -9.13
N ALA B 45 -12.05 -31.99 -9.30
CA ALA B 45 -11.47 -30.65 -9.09
C ALA B 45 -12.06 -29.66 -10.09
N GLU B 46 -12.28 -30.12 -11.31
CA GLU B 46 -12.72 -29.27 -12.42
C GLU B 46 -14.04 -28.59 -12.05
N GLY B 47 -13.99 -27.26 -12.01
CA GLY B 47 -15.07 -26.38 -11.43
C GLY B 47 -15.37 -25.95 -9.96
N LYS B 48 -14.73 -26.61 -9.01
CA LYS B 48 -15.19 -26.62 -7.57
C LYS B 48 -15.14 -25.27 -6.71
N ILE B 49 -14.08 -24.48 -6.91
CA ILE B 49 -13.82 -23.17 -6.27
C ILE B 49 -14.69 -21.94 -6.61
N ARG B 50 -14.95 -21.68 -7.88
CA ARG B 50 -15.97 -20.69 -8.08
C ARG B 50 -16.93 -21.48 -7.24
N GLY B 51 -17.00 -22.74 -7.60
CA GLY B 51 -17.77 -23.57 -6.71
C GLY B 51 -17.31 -23.20 -5.30
N THR B 52 -18.27 -22.92 -4.51
CA THR B 52 -18.14 -23.27 -3.09
C THR B 52 -17.11 -22.46 -2.30
N LEU B 53 -16.21 -21.76 -2.97
CA LEU B 53 -15.13 -21.02 -2.30
C LEU B 53 -15.37 -19.66 -2.87
N LEU B 54 -15.82 -19.72 -4.12
CA LEU B 54 -16.38 -18.56 -4.83
C LEU B 54 -17.65 -18.10 -4.11
N LEU B 55 -18.42 -19.09 -3.63
CA LEU B 55 -19.69 -18.84 -2.95
C LEU B 55 -19.54 -17.92 -1.74
N SER B 56 -18.47 -18.10 -1.01
CA SER B 56 -18.16 -17.22 0.14
C SER B 56 -17.95 -15.78 -0.35
N LEU B 57 -17.29 -15.65 -1.48
CA LEU B 57 -17.07 -14.35 -2.12
C LEU B 57 -18.41 -13.74 -2.52
N ALA B 58 -19.29 -14.58 -3.04
CA ALA B 58 -20.64 -14.17 -3.41
C ALA B 58 -21.41 -13.67 -2.18
N PHE B 59 -21.24 -14.39 -1.08
CA PHE B 59 -21.83 -13.98 0.20
C PHE B 59 -21.31 -12.62 0.67
N MET B 60 -20.04 -12.38 0.40
CA MET B 60 -19.37 -11.11 0.74
C MET B 60 -20.04 -9.96 -0.02
N GLU B 61 -20.39 -10.21 -1.26
CA GLU B 61 -21.07 -9.20 -2.10
C GLU B 61 -22.43 -8.88 -1.50
N ALA B 62 -23.10 -9.89 -0.99
CA ALA B 62 -24.38 -9.71 -0.30
C ALA B 62 -24.20 -8.83 0.93
N LEU B 63 -23.11 -9.06 1.64
CA LEU B 63 -22.75 -8.27 2.82
C LEU B 63 -22.52 -6.81 2.42
N THR B 64 -21.87 -6.63 1.28
CA THR B 64 -21.59 -5.29 0.74
C THR B 64 -22.93 -4.60 0.43
N ILE B 65 -23.84 -5.35 -0.14
CA ILE B 65 -25.21 -4.87 -0.37
C ILE B 65 -25.83 -4.56 1.00
N TYR B 66 -25.55 -5.46 1.94
CA TYR B 66 -25.96 -5.29 3.35
C TYR B 66 -25.53 -3.87 3.78
N GLY B 67 -24.42 -3.42 3.18
CA GLY B 67 -23.88 -2.06 3.36
C GLY B 67 -24.73 -1.05 2.62
N LEU B 68 -24.87 -1.26 1.34
CA LEU B 68 -25.71 -0.41 0.55
C LEU B 68 -27.09 -0.24 1.23
N VAL B 69 -27.48 -1.27 2.00
CA VAL B 69 -28.71 -1.34 2.90
C VAL B 69 -28.68 -0.28 3.96
N VAL B 70 -27.61 -0.35 4.74
CA VAL B 70 -27.38 0.63 5.82
C VAL B 70 -27.28 2.07 5.26
N ALA B 71 -26.85 2.13 4.02
CA ALA B 71 -26.67 3.41 3.31
C ALA B 71 -28.03 4.09 3.07
N LEU B 72 -28.91 3.34 2.46
CA LEU B 72 -30.23 3.92 2.19
C LEU B 72 -31.08 4.00 3.48
N ALA B 73 -30.81 3.08 4.41
CA ALA B 73 -31.54 2.96 5.72
C ALA B 73 -31.45 4.23 6.57
N LEU B 74 -30.39 4.98 6.30
CA LEU B 74 -30.17 6.32 6.87
C LEU B 74 -31.15 7.35 6.24
N LEU B 75 -31.33 7.21 4.94
CA LEU B 75 -32.04 8.23 4.11
C LEU B 75 -33.46 8.72 4.57
N ASN C 2 -27.49 20.38 19.65
CA ASN C 2 -27.27 19.02 20.23
C ASN C 2 -27.43 17.98 19.16
N PRO C 3 -28.54 18.10 18.44
CA PRO C 3 -28.86 17.24 17.33
C PRO C 3 -27.79 17.32 16.25
N LEU C 4 -27.18 18.49 16.14
CA LEU C 4 -26.08 18.68 15.15
C LEU C 4 -24.95 17.68 15.40
N ILE C 5 -24.57 17.57 16.68
CA ILE C 5 -23.53 16.63 17.18
C ILE C 5 -23.85 15.14 17.07
N ALA C 6 -24.99 14.80 17.63
CA ALA C 6 -25.58 13.46 17.49
C ALA C 6 -25.61 13.02 16.01
N ALA C 7 -25.94 13.98 15.16
CA ALA C 7 -26.15 13.72 13.70
C ALA C 7 -24.82 13.39 13.03
N ALA C 8 -23.86 14.23 13.28
CA ALA C 8 -22.51 13.93 12.84
C ALA C 8 -22.08 12.54 13.35
N SER C 9 -22.43 12.20 14.59
CA SER C 9 -22.09 10.86 15.16
C SER C 9 -22.66 9.70 14.32
N VAL C 10 -23.96 9.73 14.09
CA VAL C 10 -24.65 8.77 13.22
C VAL C 10 -24.03 8.73 11.85
N ILE C 11 -23.71 9.91 11.32
CA ILE C 11 -23.11 9.96 9.98
C ILE C 11 -21.76 9.21 9.90
N ALA C 12 -20.83 9.64 10.73
CA ALA C 12 -19.58 8.91 10.85
C ALA C 12 -19.87 7.44 11.14
N ALA C 13 -20.58 7.13 12.22
CA ALA C 13 -20.86 5.70 12.66
C ALA C 13 -21.15 4.81 11.44
N GLY C 14 -21.94 5.38 10.55
CA GLY C 14 -22.30 4.73 9.27
C GLY C 14 -21.13 4.47 8.34
N LEU C 15 -20.36 5.52 8.12
CA LEU C 15 -19.11 5.47 7.34
C LEU C 15 -18.10 4.42 7.80
N ALA C 16 -17.95 4.39 9.11
CA ALA C 16 -16.92 3.56 9.74
C ALA C 16 -17.39 2.11 9.86
N VAL C 17 -18.62 1.89 9.50
CA VAL C 17 -18.93 0.50 9.30
C VAL C 17 -18.43 0.13 7.87
N GLY C 18 -18.12 1.11 7.03
CA GLY C 18 -17.64 0.84 5.67
C GLY C 18 -16.17 0.45 5.70
N LEU C 19 -15.45 0.89 6.72
CA LEU C 19 -14.04 0.55 6.91
C LEU C 19 -13.90 -0.94 7.29
N ALA C 20 -14.79 -1.32 8.18
CA ALA C 20 -14.77 -2.67 8.78
C ALA C 20 -14.73 -3.75 7.69
N SER C 21 -15.56 -3.50 6.69
CA SER C 21 -15.83 -4.48 5.61
C SER C 21 -14.61 -4.79 4.76
N ILE C 22 -13.83 -3.77 4.45
CA ILE C 22 -12.70 -3.93 3.54
C ILE C 22 -11.69 -4.91 4.13
N GLY C 23 -11.38 -4.77 5.41
CA GLY C 23 -10.49 -5.72 6.07
C GLY C 23 -11.10 -7.12 6.09
N PRO C 24 -12.41 -7.17 6.45
CA PRO C 24 -13.14 -8.44 6.44
C PRO C 24 -13.29 -9.04 5.02
N GLY C 25 -13.56 -8.17 4.05
CA GLY C 25 -13.84 -8.58 2.66
C GLY C 25 -12.64 -9.18 1.93
N VAL C 26 -11.48 -8.68 2.31
CA VAL C 26 -10.20 -9.33 2.08
C VAL C 26 -10.09 -10.80 2.49
N GLY C 27 -10.07 -11.02 3.80
CA GLY C 27 -9.66 -12.31 4.35
C GLY C 27 -10.56 -13.42 3.86
N GLN C 28 -11.83 -13.07 3.67
CA GLN C 28 -12.91 -14.03 3.20
C GLN C 28 -12.61 -14.69 1.87
N GLY C 29 -12.34 -13.82 0.90
CA GLY C 29 -11.91 -14.29 -0.42
C GLY C 29 -10.73 -15.27 -0.34
N THR C 30 -9.84 -15.04 0.63
CA THR C 30 -8.56 -15.80 0.82
C THR C 30 -8.79 -17.25 1.26
N ALA C 31 -9.61 -17.37 2.28
CA ALA C 31 -10.07 -18.65 2.79
C ALA C 31 -10.61 -19.48 1.61
N ALA C 32 -11.61 -18.91 0.96
CA ALA C 32 -12.39 -19.57 -0.11
C ALA C 32 -11.52 -20.06 -1.24
N GLY C 33 -10.68 -19.16 -1.68
CA GLY C 33 -9.72 -19.49 -2.71
C GLY C 33 -8.92 -20.73 -2.32
N GLN C 34 -8.33 -20.66 -1.14
CA GLN C 34 -7.42 -21.71 -0.59
C GLN C 34 -8.13 -23.04 -0.36
N ALA C 35 -9.43 -22.92 -0.09
CA ALA C 35 -10.26 -24.10 0.19
C ALA C 35 -10.68 -24.82 -1.11
N VAL C 36 -11.07 -24.08 -2.11
CA VAL C 36 -11.32 -24.73 -3.45
C VAL C 36 -10.10 -25.60 -3.93
N GLU C 37 -8.91 -25.07 -3.63
CA GLU C 37 -7.63 -25.68 -4.02
C GLU C 37 -7.36 -26.90 -3.17
N GLY C 38 -7.37 -26.69 -1.86
CA GLY C 38 -7.08 -27.80 -0.91
C GLY C 38 -7.94 -29.02 -1.26
N ILE C 39 -9.22 -28.75 -1.44
CA ILE C 39 -10.19 -29.80 -1.74
C ILE C 39 -9.85 -30.48 -3.07
N ALA C 40 -9.32 -29.73 -4.02
CA ALA C 40 -9.17 -30.23 -5.39
C ALA C 40 -8.38 -31.54 -5.48
N ARG C 41 -7.31 -31.62 -4.72
CA ARG C 41 -6.39 -32.79 -4.81
C ARG C 41 -7.01 -34.16 -4.43
N GLN C 42 -7.74 -34.19 -3.33
CA GLN C 42 -8.25 -35.45 -2.77
C GLN C 42 -9.65 -35.39 -2.21
N PRO C 43 -10.33 -36.55 -2.18
CA PRO C 43 -11.63 -36.69 -1.52
C PRO C 43 -11.48 -36.65 0.00
N GLU C 44 -12.55 -36.39 0.70
CA GLU C 44 -12.45 -36.20 2.18
C GLU C 44 -11.96 -34.81 2.54
N ALA C 45 -11.91 -33.95 1.53
CA ALA C 45 -11.53 -32.54 1.67
C ALA C 45 -12.56 -31.80 2.52
N GLU C 46 -12.11 -30.77 3.22
CA GLU C 46 -12.96 -30.02 4.14
C GLU C 46 -13.43 -30.99 5.27
N GLY C 47 -12.52 -31.85 5.69
CA GLY C 47 -12.78 -32.80 6.78
C GLY C 47 -12.23 -32.24 8.07
N LYS C 48 -11.10 -32.78 8.52
CA LYS C 48 -10.46 -32.29 9.77
C LYS C 48 -10.08 -30.83 9.53
N ILE C 49 -9.62 -30.58 8.31
CA ILE C 49 -9.33 -29.23 7.82
C ILE C 49 -10.48 -28.23 8.03
N ARG C 50 -11.66 -28.58 7.56
CA ARG C 50 -12.85 -27.68 7.70
C ARG C 50 -12.94 -27.25 9.18
N GLY C 51 -12.53 -28.17 10.04
CA GLY C 51 -12.52 -27.94 11.48
C GLY C 51 -11.75 -26.69 11.88
N THR C 52 -10.53 -26.57 11.39
CA THR C 52 -9.79 -25.36 11.68
C THR C 52 -10.42 -24.13 10.88
N LEU C 53 -11.09 -24.40 9.75
CA LEU C 53 -11.70 -23.34 8.87
C LEU C 53 -12.74 -22.52 9.60
N LEU C 54 -13.69 -23.21 10.15
CA LEU C 54 -14.60 -22.52 11.06
C LEU C 54 -13.86 -21.69 12.11
N LEU C 55 -12.91 -22.37 12.77
CA LEU C 55 -12.13 -21.76 13.89
C LEU C 55 -11.69 -20.37 13.51
N SER C 56 -10.99 -20.30 12.40
CA SER C 56 -10.51 -19.00 11.95
C SER C 56 -11.64 -18.20 11.30
N LEU C 57 -12.53 -18.80 10.49
CA LEU C 57 -13.68 -18.09 9.88
C LEU C 57 -14.45 -17.35 10.95
N ALA C 58 -14.49 -18.01 12.09
CA ALA C 58 -15.12 -17.42 13.27
C ALA C 58 -14.36 -16.20 13.85
N PHE C 59 -13.12 -16.43 14.20
CA PHE C 59 -12.24 -15.38 14.86
C PHE C 59 -12.24 -14.03 14.09
N MET C 60 -12.40 -14.19 12.79
CA MET C 60 -12.39 -13.12 11.82
C MET C 60 -13.70 -12.39 11.94
N GLU C 61 -14.80 -13.11 11.74
CA GLU C 61 -16.15 -12.51 11.80
C GLU C 61 -16.38 -11.90 13.18
N ALA C 62 -15.63 -12.41 14.14
CA ALA C 62 -15.72 -12.04 15.55
C ALA C 62 -15.30 -10.61 15.75
N LEU C 63 -14.11 -10.33 15.33
CA LEU C 63 -13.59 -8.98 15.48
C LEU C 63 -14.31 -7.94 14.53
N THR C 64 -14.84 -8.45 13.40
CA THR C 64 -15.63 -7.68 12.35
C THR C 64 -17.02 -7.35 12.84
N ILE C 65 -17.55 -8.26 13.62
CA ILE C 65 -18.75 -8.02 14.38
C ILE C 65 -18.49 -7.03 15.50
N TYR C 66 -17.42 -7.29 16.23
CA TYR C 66 -17.06 -6.51 17.42
C TYR C 66 -17.13 -5.02 17.00
N GLY C 67 -16.77 -4.78 15.75
CA GLY C 67 -16.90 -3.45 15.12
C GLY C 67 -18.35 -3.12 14.82
N LEU C 68 -18.97 -4.00 14.04
CA LEU C 68 -20.39 -3.82 13.70
C LEU C 68 -21.21 -3.52 14.97
N VAL C 69 -20.74 -4.09 16.05
CA VAL C 69 -21.28 -3.89 17.39
C VAL C 69 -21.19 -2.44 17.81
N VAL C 70 -19.98 -1.93 17.78
CA VAL C 70 -19.72 -0.53 18.14
C VAL C 70 -20.52 0.42 17.21
N ALA C 71 -20.75 -0.06 16.01
CA ALA C 71 -21.44 0.68 14.94
C ALA C 71 -22.90 0.94 15.32
N LEU C 72 -23.56 -0.14 15.69
CA LEU C 72 -25.00 -0.05 16.11
C LEU C 72 -25.14 0.50 17.54
N ALA C 73 -24.10 0.28 18.34
CA ALA C 73 -24.00 0.77 19.75
C ALA C 73 -24.02 2.30 19.87
N LEU C 74 -23.61 2.94 18.79
CA LEU C 74 -23.75 4.40 18.67
C LEU C 74 -25.22 4.84 18.43
N LEU C 75 -25.94 4.03 17.65
CA LEU C 75 -27.30 4.37 17.11
C LEU C 75 -28.38 4.92 18.10
N ASN D 2 -21.01 21.71 26.63
CA ASN D 2 -19.96 20.85 27.23
C ASN D 2 -20.28 19.40 26.89
N PRO D 3 -21.56 18.99 27.05
CA PRO D 3 -22.02 17.64 26.67
C PRO D 3 -21.77 17.38 25.19
N LEU D 4 -21.83 18.42 24.40
CA LEU D 4 -21.57 18.32 22.95
C LEU D 4 -20.18 17.75 22.65
N ILE D 5 -19.19 18.35 23.31
CA ILE D 5 -17.74 17.97 23.28
C ILE D 5 -17.41 16.58 23.85
N ALA D 6 -17.90 16.34 25.04
CA ALA D 6 -17.84 15.03 25.69
C ALA D 6 -18.41 13.95 24.75
N ALA D 7 -19.50 14.30 24.10
CA ALA D 7 -20.24 13.35 23.24
C ALA D 7 -19.42 13.02 22.02
N ALA D 8 -18.92 14.05 21.39
CA ALA D 8 -17.99 13.81 20.32
C ALA D 8 -16.84 12.93 20.83
N SER D 9 -16.33 13.17 22.04
CA SER D 9 -15.20 12.35 22.60
C SER D 9 -15.47 10.84 22.62
N VAL D 10 -16.61 10.52 23.20
CA VAL D 10 -17.14 9.16 23.19
C VAL D 10 -17.31 8.65 21.76
N ILE D 11 -17.86 9.50 20.90
CA ILE D 11 -18.11 9.14 19.46
C ILE D 11 -16.80 8.67 18.82
N ALA D 12 -15.82 9.55 18.84
CA ALA D 12 -14.48 9.25 18.37
C ALA D 12 -13.92 8.04 19.09
N ALA D 13 -13.81 8.04 20.42
CA ALA D 13 -13.34 6.84 21.18
C ALA D 13 -13.95 5.52 20.63
N GLY D 14 -15.21 5.63 20.26
CA GLY D 14 -15.93 4.55 19.55
C GLY D 14 -15.52 4.13 18.10
N LEU D 15 -15.49 5.11 17.18
CA LEU D 15 -15.06 4.95 15.71
C LEU D 15 -13.71 4.18 15.52
N ALA D 16 -12.84 4.33 16.54
CA ALA D 16 -11.45 3.73 16.77
C ALA D 16 -11.48 2.33 17.40
N VAL D 17 -12.68 1.84 17.51
CA VAL D 17 -12.75 0.41 17.38
C VAL D 17 -12.99 -0.03 15.91
N GLY D 18 -13.41 0.87 15.02
CA GLY D 18 -13.71 0.54 13.61
C GLY D 18 -12.49 0.52 12.70
N LEU D 19 -11.46 1.21 13.12
CA LEU D 19 -10.18 0.99 12.45
C LEU D 19 -9.51 -0.36 12.82
N ALA D 20 -9.58 -0.70 14.11
CA ALA D 20 -8.84 -1.90 14.68
C ALA D 20 -9.12 -3.12 13.87
N SER D 21 -10.40 -3.28 13.59
CA SER D 21 -10.91 -4.51 12.96
C SER D 21 -10.34 -4.76 11.57
N ILE D 22 -10.22 -3.72 10.78
CA ILE D 22 -9.74 -3.87 9.41
C ILE D 22 -8.32 -4.42 9.40
N GLY D 23 -7.46 -3.88 10.24
CA GLY D 23 -6.11 -4.39 10.39
C GLY D 23 -6.13 -5.80 10.97
N PRO D 24 -6.96 -6.00 12.01
CA PRO D 24 -7.11 -7.33 12.62
C PRO D 24 -7.72 -8.37 11.66
N GLY D 25 -8.71 -7.92 10.91
CA GLY D 25 -9.47 -8.80 10.01
C GLY D 25 -8.58 -9.33 8.90
N VAL D 26 -7.67 -8.49 8.43
CA VAL D 26 -6.64 -8.94 7.47
C VAL D 26 -5.82 -10.13 8.01
N GLY D 27 -5.16 -9.92 9.15
CA GLY D 27 -4.13 -10.85 9.65
C GLY D 27 -4.73 -12.19 9.98
N GLN D 28 -5.89 -12.14 10.58
CA GLN D 28 -6.68 -13.35 10.86
C GLN D 28 -6.88 -14.20 9.60
N GLY D 29 -7.38 -13.53 8.55
CA GLY D 29 -7.61 -14.16 7.21
C GLY D 29 -6.37 -14.84 6.64
N THR D 30 -5.22 -14.28 6.96
CA THR D 30 -3.92 -14.76 6.44
C THR D 30 -3.56 -16.10 7.11
N ALA D 31 -3.66 -16.14 8.44
CA ALA D 31 -3.38 -17.34 9.23
C ALA D 31 -4.14 -18.48 8.61
N ALA D 32 -5.44 -18.27 8.57
CA ALA D 32 -6.43 -19.25 8.07
C ALA D 32 -6.09 -19.79 6.69
N GLY D 33 -5.87 -18.87 5.78
CA GLY D 33 -5.48 -19.26 4.41
C GLY D 33 -4.25 -20.20 4.39
N GLN D 34 -3.24 -19.77 5.11
CA GLN D 34 -1.95 -20.48 5.15
C GLN D 34 -2.01 -21.80 5.92
N ALA D 35 -2.96 -21.87 6.85
CA ALA D 35 -3.18 -23.08 7.66
C ALA D 35 -3.97 -24.11 6.84
N VAL D 36 -5.01 -23.68 6.10
CA VAL D 36 -5.76 -24.55 5.14
C VAL D 36 -4.80 -25.33 4.21
N GLU D 37 -3.73 -24.67 3.84
CA GLU D 37 -2.70 -25.27 2.99
C GLU D 37 -1.89 -26.32 3.78
N GLY D 38 -1.35 -25.88 4.89
CA GLY D 38 -0.52 -26.75 5.76
C GLY D 38 -1.24 -28.06 6.12
N ILE D 39 -2.50 -27.89 6.47
CA ILE D 39 -3.40 -29.00 6.80
C ILE D 39 -3.56 -29.94 5.60
N ALA D 40 -3.66 -29.37 4.41
CA ALA D 40 -3.88 -30.20 3.21
C ALA D 40 -2.74 -31.23 3.09
N ARG D 41 -1.52 -30.81 3.40
CA ARG D 41 -0.35 -31.70 3.48
C ARG D 41 -0.45 -32.71 4.64
N GLN D 42 -0.85 -32.21 5.80
CA GLN D 42 -0.81 -32.96 7.09
C GLN D 42 -1.82 -34.10 7.16
N PRO D 43 -1.40 -35.22 7.75
CA PRO D 43 -2.34 -36.32 7.99
C PRO D 43 -2.34 -36.77 9.45
N GLU D 44 -1.43 -37.65 9.82
CA GLU D 44 -1.35 -38.15 11.22
C GLU D 44 -0.93 -37.05 12.21
N ALA D 45 -0.04 -36.19 11.73
CA ALA D 45 0.56 -35.09 12.54
C ALA D 45 -0.51 -34.10 13.06
N GLU D 46 -1.49 -33.84 12.20
CA GLU D 46 -2.48 -32.78 12.42
C GLU D 46 -3.31 -32.96 13.69
N GLY D 47 -3.66 -31.84 14.32
CA GLY D 47 -4.49 -31.80 15.52
C GLY D 47 -3.73 -31.51 16.81
N LYS D 48 -2.43 -31.75 16.80
CA LYS D 48 -1.51 -31.14 17.78
C LYS D 48 -1.52 -29.68 17.40
N ILE D 49 -1.54 -29.49 16.09
CA ILE D 49 -1.62 -28.22 15.41
C ILE D 49 -2.79 -27.33 15.83
N ARG D 50 -4.01 -27.88 15.77
CA ARG D 50 -5.22 -27.12 16.13
C ARG D 50 -4.96 -26.47 17.51
N GLY D 51 -4.15 -27.15 18.30
CA GLY D 51 -3.70 -26.64 19.62
C GLY D 51 -3.04 -25.26 19.62
N THR D 52 -2.08 -25.04 18.73
CA THR D 52 -1.52 -23.70 18.55
C THR D 52 -2.52 -22.72 17.87
N LEU D 53 -3.43 -23.30 17.08
CA LEU D 53 -4.45 -22.53 16.30
C LEU D 53 -5.34 -21.72 17.22
N LEU D 54 -5.98 -22.43 18.13
CA LEU D 54 -6.69 -21.74 19.20
C LEU D 54 -5.80 -20.64 19.82
N LEU D 55 -4.59 -21.02 20.20
CA LEU D 55 -3.66 -20.12 20.91
C LEU D 55 -3.63 -18.75 20.26
N SER D 56 -3.32 -18.77 18.99
CA SER D 56 -3.27 -17.52 18.27
C SER D 56 -4.67 -17.03 17.91
N LEU D 57 -5.62 -17.91 17.48
CA LEU D 57 -7.03 -17.53 17.13
C LEU D 57 -7.57 -16.73 18.32
N ALA D 58 -7.11 -17.11 19.50
CA ALA D 58 -7.54 -16.46 20.75
C ALA D 58 -7.00 -15.05 20.88
N PHE D 59 -5.69 -15.00 20.83
CA PHE D 59 -4.95 -13.76 20.99
C PHE D 59 -5.48 -12.60 20.11
N MET D 60 -5.93 -13.01 18.95
CA MET D 60 -6.40 -12.13 17.91
C MET D 60 -7.73 -11.67 18.37
N GLU D 61 -8.66 -12.61 18.59
CA GLU D 61 -10.05 -12.27 18.98
C GLU D 61 -10.04 -11.44 20.27
N ALA D 62 -8.96 -11.62 21.01
CA ALA D 62 -8.75 -10.99 22.30
C ALA D 62 -8.62 -9.50 22.16
N LEU D 63 -7.67 -9.11 21.37
CA LEU D 63 -7.41 -7.69 21.16
C LEU D 63 -8.53 -6.97 20.32
N THR D 64 -9.26 -7.77 19.52
CA THR D 64 -10.45 -7.34 18.68
C THR D 64 -11.69 -7.10 19.49
N ILE D 65 -11.81 -7.91 20.50
CA ILE D 65 -12.83 -7.65 21.48
C ILE D 65 -12.42 -6.41 22.30
N TYR D 66 -11.16 -6.39 22.71
CA TYR D 66 -10.65 -5.34 23.58
C TYR D 66 -11.05 -3.99 22.97
N GLY D 67 -11.08 -3.98 21.65
CA GLY D 67 -11.58 -2.84 20.86
C GLY D 67 -13.09 -2.73 20.98
N LEU D 68 -13.78 -3.79 20.59
CA LEU D 68 -15.27 -3.79 20.66
C LEU D 68 -15.71 -3.30 22.06
N VAL D 69 -14.86 -3.60 23.03
CA VAL D 69 -15.03 -3.14 24.44
C VAL D 69 -14.97 -1.63 24.53
N VAL D 70 -13.88 -1.08 24.02
CA VAL D 70 -13.65 0.38 23.98
C VAL D 70 -14.78 1.09 23.20
N ALA D 71 -15.33 0.34 22.26
CA ALA D 71 -16.41 0.79 21.37
C ALA D 71 -17.69 1.07 22.17
N LEU D 72 -18.07 0.06 22.95
CA LEU D 72 -19.27 0.15 23.81
C LEU D 72 -18.99 0.97 25.10
N ALA D 73 -17.73 0.98 25.50
CA ALA D 73 -17.24 1.78 26.66
C ALA D 73 -17.37 3.30 26.45
N LEU D 74 -17.31 3.70 25.18
CA LEU D 74 -17.46 5.08 24.64
C LEU D 74 -18.93 5.50 24.71
N LEU D 75 -19.79 4.48 24.59
CA LEU D 75 -21.16 4.40 25.17
C LEU D 75 -21.12 4.50 26.72
N ASN E 2 -14.04 24.14 29.02
CA ASN E 2 -12.83 23.40 29.49
C ASN E 2 -13.13 21.92 29.30
N PRO E 3 -14.32 21.48 29.74
CA PRO E 3 -14.72 20.07 29.57
C PRO E 3 -14.78 19.69 28.10
N LEU E 4 -15.11 20.65 27.26
CA LEU E 4 -15.14 20.42 25.81
C LEU E 4 -13.79 19.90 25.26
N ILE E 5 -12.72 20.59 25.66
CA ILE E 5 -11.27 20.28 25.32
C ILE E 5 -10.73 18.98 25.89
N ALA E 6 -10.92 18.83 27.20
CA ALA E 6 -10.67 17.58 27.91
C ALA E 6 -11.36 16.38 27.21
N ALA E 7 -12.60 16.61 26.79
CA ALA E 7 -13.50 15.55 26.25
C ALA E 7 -13.01 15.07 24.91
N ALA E 8 -12.69 16.05 24.11
CA ALA E 8 -11.96 15.72 22.89
C ALA E 8 -10.67 14.93 23.19
N SER E 9 -9.89 15.34 24.19
CA SER E 9 -8.59 14.64 24.52
C SER E 9 -8.76 13.15 24.83
N VAL E 10 -9.67 12.87 25.73
CA VAL E 10 -10.10 11.51 26.02
C VAL E 10 -10.65 10.82 24.76
N ILE E 11 -11.47 11.50 23.97
CA ILE E 11 -12.05 10.88 22.79
C ILE E 11 -11.01 10.39 21.82
N ALA E 12 -10.08 11.29 21.49
CA ALA E 12 -8.88 10.97 20.70
C ALA E 12 -8.06 9.91 21.37
N ALA E 13 -7.57 10.11 22.60
CA ALA E 13 -6.80 9.05 23.35
C ALA E 13 -7.40 7.64 23.13
N GLY E 14 -8.74 7.62 23.11
CA GLY E 14 -9.63 6.44 22.81
C GLY E 14 -9.66 5.85 21.40
N LEU E 15 -9.78 6.74 20.47
CA LEU E 15 -9.55 6.40 19.07
C LEU E 15 -8.25 5.62 18.82
N ALA E 16 -7.21 6.10 19.46
CA ALA E 16 -5.82 5.70 19.13
C ALA E 16 -5.47 4.38 19.81
N VAL E 17 -6.39 3.87 20.59
CA VAL E 17 -6.31 2.45 20.89
C VAL E 17 -6.88 1.63 19.72
N GLY E 18 -7.68 2.26 18.89
CA GLY E 18 -8.22 1.52 17.78
C GLY E 18 -7.19 1.35 16.67
N LEU E 19 -6.23 2.24 16.60
CA LEU E 19 -5.18 2.15 15.56
C LEU E 19 -4.24 1.00 15.89
N ALA E 20 -3.97 0.90 17.17
CA ALA E 20 -2.99 -0.10 17.68
C ALA E 20 -3.37 -1.47 17.14
N SER E 21 -4.68 -1.68 17.16
CA SER E 21 -5.38 -2.97 16.88
C SER E 21 -5.31 -3.39 15.42
N ILE E 22 -5.47 -2.44 14.52
CA ILE E 22 -5.26 -2.64 13.08
C ILE E 22 -3.97 -3.44 12.85
N GLY E 23 -2.83 -2.86 13.22
CA GLY E 23 -1.49 -3.45 13.00
C GLY E 23 -1.21 -4.78 13.68
N PRO E 24 -1.43 -4.85 15.02
CA PRO E 24 -1.43 -6.11 15.77
C PRO E 24 -2.28 -7.20 15.10
N GLY E 25 -3.51 -6.86 14.75
CA GLY E 25 -4.48 -7.83 14.20
C GLY E 25 -4.06 -8.47 12.89
N VAL E 26 -3.42 -7.70 12.03
CA VAL E 26 -2.67 -8.22 10.88
C VAL E 26 -1.65 -9.32 11.18
N GLY E 27 -0.69 -8.96 12.01
CA GLY E 27 0.51 -9.79 12.27
C GLY E 27 0.19 -11.16 12.86
N GLN E 28 -0.82 -11.19 13.73
CA GLN E 28 -1.29 -12.41 14.48
C GLN E 28 -1.60 -13.52 13.54
N GLY E 29 -2.46 -13.17 12.59
CA GLY E 29 -2.79 -14.10 11.54
C GLY E 29 -1.52 -14.65 10.88
N THR E 30 -0.49 -13.82 10.70
CA THR E 30 0.77 -14.13 9.96
C THR E 30 1.61 -15.21 10.66
N ALA E 31 1.77 -14.99 11.95
CA ALA E 31 2.42 -15.94 12.83
C ALA E 31 1.76 -17.33 12.63
N ALA E 32 0.46 -17.35 12.90
CA ALA E 32 -0.38 -18.58 12.97
C ALA E 32 -0.36 -19.38 11.70
N GLY E 33 -0.55 -18.63 10.63
CA GLY E 33 -0.42 -19.21 9.32
C GLY E 33 0.91 -19.93 9.18
N GLN E 34 1.99 -19.19 9.41
CA GLN E 34 3.38 -19.64 9.22
C GLN E 34 3.76 -20.83 10.13
N ALA E 35 3.09 -20.86 11.28
CA ALA E 35 3.28 -21.94 12.24
C ALA E 35 2.52 -23.20 11.83
N VAL E 36 1.26 -23.06 11.39
CA VAL E 36 0.48 -24.19 10.81
C VAL E 36 1.29 -24.97 9.72
N GLU E 37 2.05 -24.19 8.96
CA GLU E 37 2.88 -24.70 7.86
C GLU E 37 4.11 -25.39 8.41
N GLY E 38 4.87 -24.64 9.22
CA GLY E 38 6.12 -25.18 9.80
C GLY E 38 5.87 -26.56 10.42
N ILE E 39 4.80 -26.63 11.22
CA ILE E 39 4.44 -27.88 11.90
C ILE E 39 4.08 -28.97 10.88
N ALA E 40 3.42 -28.59 9.80
CA ALA E 40 3.06 -29.60 8.79
C ALA E 40 4.32 -30.33 8.29
N ARG E 41 5.37 -29.55 8.08
CA ARG E 41 6.60 -30.04 7.41
C ARG E 41 7.34 -31.17 8.16
N GLN E 42 7.54 -31.00 9.45
CA GLN E 42 8.31 -32.00 10.18
C GLN E 42 7.57 -32.55 11.38
N PRO E 43 7.38 -33.87 11.42
CA PRO E 43 6.74 -34.51 12.57
C PRO E 43 7.58 -34.49 13.85
N GLU E 44 8.88 -34.75 13.73
CA GLU E 44 9.75 -34.84 14.93
C GLU E 44 9.93 -33.48 15.62
N ALA E 45 10.21 -32.49 14.81
CA ALA E 45 10.26 -31.09 15.27
C ALA E 45 8.86 -30.65 15.71
N GLU E 46 7.87 -31.13 14.96
CA GLU E 46 6.48 -30.67 15.05
C GLU E 46 5.86 -30.89 16.42
N GLY E 47 5.07 -29.92 16.86
CA GLY E 47 4.39 -29.96 18.15
C GLY E 47 5.30 -29.33 19.19
N LYS E 48 6.58 -29.27 18.89
CA LYS E 48 7.50 -28.40 19.64
C LYS E 48 7.08 -26.98 19.25
N ILE E 49 6.74 -26.87 17.98
CA ILE E 49 6.37 -25.61 17.34
C ILE E 49 5.11 -24.98 17.95
N ARG E 50 4.08 -25.77 18.18
CA ARG E 50 2.87 -25.17 18.75
C ARG E 50 3.31 -24.14 19.84
N GLY E 51 4.42 -24.47 20.49
CA GLY E 51 5.09 -23.63 21.47
C GLY E 51 5.41 -22.24 20.95
N THR E 52 5.92 -22.17 19.74
CA THR E 52 6.12 -20.89 19.04
C THR E 52 4.80 -20.22 18.65
N LEU E 53 3.81 -21.04 18.32
CA LEU E 53 2.49 -20.55 17.88
C LEU E 53 1.85 -19.66 18.96
N LEU E 54 1.79 -20.20 20.16
CA LEU E 54 1.43 -19.38 21.32
C LEU E 54 2.26 -18.09 21.35
N LEU E 55 3.58 -18.27 21.24
CA LEU E 55 4.51 -17.14 21.36
C LEU E 55 4.00 -15.95 20.53
N SER E 56 3.79 -16.23 19.26
CA SER E 56 3.32 -15.21 18.34
C SER E 56 1.84 -14.92 18.52
N LEU E 57 0.97 -15.93 18.73
CA LEU E 57 -0.47 -15.70 19.03
C LEU E 57 -0.61 -14.74 20.20
N ALA E 58 0.32 -14.85 21.13
CA ALA E 58 0.36 -13.95 22.29
C ALA E 58 0.73 -12.52 21.91
N PHE E 59 1.87 -12.40 21.27
CA PHE E 59 2.42 -11.12 20.86
C PHE E 59 1.42 -10.22 20.12
N MET E 60 0.56 -10.88 19.37
CA MET E 60 -0.46 -10.25 18.54
C MET E 60 -1.60 -9.77 19.44
N GLU E 61 -2.12 -10.66 20.27
CA GLU E 61 -3.18 -10.34 21.26
C GLU E 61 -2.73 -9.30 22.29
N ALA E 62 -1.41 -9.26 22.41
CA ALA E 62 -0.76 -8.33 23.31
C ALA E 62 -0.94 -6.91 22.86
N LEU E 63 -0.46 -6.63 21.66
CA LEU E 63 -0.45 -5.27 21.10
C LEU E 63 -1.88 -4.75 20.85
N THR E 64 -2.82 -5.68 20.70
CA THR E 64 -4.24 -5.30 20.51
C THR E 64 -4.92 -4.89 21.83
N ILE E 65 -4.52 -5.57 22.87
CA ILE E 65 -4.89 -5.20 24.21
C ILE E 65 -4.22 -3.88 24.58
N TYR E 66 -2.93 -3.84 24.26
CA TYR E 66 -2.08 -2.69 24.64
C TYR E 66 -2.81 -1.42 24.21
N GLY E 67 -3.50 -1.53 23.10
CA GLY E 67 -4.31 -0.43 22.60
C GLY E 67 -5.58 -0.27 23.43
N LEU E 68 -6.30 -1.37 23.59
CA LEU E 68 -7.53 -1.35 24.40
C LEU E 68 -7.24 -0.81 25.81
N VAL E 69 -6.02 -1.05 26.26
CA VAL E 69 -5.53 -0.63 27.60
C VAL E 69 -5.53 0.89 27.73
N VAL E 70 -4.85 1.53 26.79
CA VAL E 70 -4.80 3.00 26.71
C VAL E 70 -6.18 3.60 26.47
N ALA E 71 -7.02 2.80 25.86
CA ALA E 71 -8.39 3.20 25.51
C ALA E 71 -9.18 3.40 26.79
N LEU E 72 -9.23 2.35 27.59
CA LEU E 72 -10.08 2.48 28.79
C LEU E 72 -9.39 3.41 29.81
N ALA E 73 -8.05 3.44 29.75
CA ALA E 73 -7.16 4.22 30.66
C ALA E 73 -7.44 5.72 30.61
N LEU E 74 -7.98 6.15 29.46
CA LEU E 74 -8.47 7.53 29.27
C LEU E 74 -9.82 7.77 29.98
N LEU E 75 -10.70 6.79 29.78
CA LEU E 75 -12.16 6.97 30.06
C LEU E 75 -12.45 7.98 31.23
N ASN F 2 -6.32 28.03 27.88
CA ASN F 2 -4.95 27.72 27.37
C ASN F 2 -4.64 26.26 27.64
N PRO F 3 -4.96 25.80 28.86
CA PRO F 3 -4.80 24.40 29.24
C PRO F 3 -5.64 23.48 28.34
N LEU F 4 -6.75 24.02 27.89
CA LEU F 4 -7.64 23.26 26.99
C LEU F 4 -6.89 22.84 25.71
N ILE F 5 -6.20 23.81 25.13
CA ILE F 5 -5.32 23.66 23.93
C ILE F 5 -4.10 22.76 24.12
N ALA F 6 -3.33 23.07 25.14
CA ALA F 6 -2.20 22.25 25.56
C ALA F 6 -2.63 20.78 25.74
N ALA F 7 -3.82 20.62 26.29
CA ALA F 7 -4.38 19.27 26.61
C ALA F 7 -4.69 18.48 25.35
N ALA F 8 -5.40 19.14 24.47
CA ALA F 8 -5.62 18.56 23.15
C ALA F 8 -4.27 18.21 22.50
N SER F 9 -3.25 19.04 22.66
CA SER F 9 -1.88 18.75 22.12
C SER F 9 -1.32 17.41 22.62
N VAL F 10 -1.27 17.29 23.93
CA VAL F 10 -0.84 16.06 24.59
C VAL F 10 -1.70 14.91 24.11
N ILE F 11 -3.00 15.14 23.97
CA ILE F 11 -3.93 14.07 23.53
C ILE F 11 -3.59 13.54 22.13
N ALA F 12 -3.53 14.44 21.16
CA ALA F 12 -3.05 14.10 19.82
C ALA F 12 -1.66 13.50 19.85
N ALA F 13 -0.71 14.18 20.47
CA ALA F 13 0.69 13.63 20.58
C ALA F 13 0.69 12.13 20.97
N GLY F 14 -0.21 11.83 21.90
CA GLY F 14 -0.44 10.45 22.40
C GLY F 14 -0.94 9.46 21.36
N LEU F 15 -1.95 9.88 20.62
CA LEU F 15 -2.52 9.12 19.47
C LEU F 15 -1.51 8.67 18.40
N ALA F 16 -0.55 9.55 18.19
CA ALA F 16 0.46 9.37 17.14
C ALA F 16 1.62 8.50 17.62
N VAL F 17 1.58 8.14 18.88
CA VAL F 17 2.40 7.01 19.30
C VAL F 17 1.67 5.69 18.91
N GLY F 18 0.38 5.78 18.64
CA GLY F 18 -0.40 4.58 18.28
C GLY F 18 -0.11 4.21 16.85
N LEU F 19 0.28 5.19 16.05
CA LEU F 19 0.61 4.96 14.63
C LEU F 19 1.91 4.19 14.53
N ALA F 20 2.82 4.60 15.40
CA ALA F 20 4.19 4.03 15.44
C ALA F 20 4.17 2.50 15.58
N SER F 21 3.20 2.11 16.39
CA SER F 21 2.98 0.72 16.82
C SER F 21 2.46 -0.17 15.71
N ILE F 22 1.59 0.38 14.89
CA ILE F 22 1.20 -0.23 13.62
C ILE F 22 2.46 -0.83 12.96
N GLY F 23 3.41 0.01 12.59
CA GLY F 23 4.52 -0.45 11.75
C GLY F 23 5.42 -1.52 12.37
N PRO F 24 5.91 -1.26 13.58
CA PRO F 24 6.63 -2.26 14.35
C PRO F 24 5.84 -3.55 14.50
N GLY F 25 4.57 -3.43 14.85
CA GLY F 25 3.71 -4.57 15.19
C GLY F 25 3.57 -5.56 14.06
N VAL F 26 3.57 -5.04 12.85
CA VAL F 26 3.69 -5.87 11.64
C VAL F 26 4.88 -6.84 11.71
N GLY F 27 6.06 -6.26 11.73
CA GLY F 27 7.30 -7.03 11.46
C GLY F 27 7.57 -8.13 12.48
N GLN F 28 7.26 -7.81 13.72
CA GLN F 28 7.42 -8.74 14.87
C GLN F 28 6.70 -10.06 14.65
N GLY F 29 5.42 -9.95 14.36
CA GLY F 29 4.59 -11.11 14.01
C GLY F 29 5.21 -11.97 12.92
N THR F 30 5.90 -11.33 11.99
CA THR F 30 6.49 -11.99 10.80
C THR F 30 7.67 -12.89 11.18
N ALA F 31 8.56 -12.29 11.95
CA ALA F 31 9.74 -12.99 12.46
C ALA F 31 9.27 -14.30 13.10
N ALA F 32 8.39 -14.12 14.07
CA ALA F 32 7.86 -15.21 14.92
C ALA F 32 7.29 -16.35 14.11
N GLY F 33 6.40 -15.99 13.21
CA GLY F 33 5.78 -17.00 12.35
C GLY F 33 6.81 -17.88 11.63
N GLN F 34 7.76 -17.18 11.01
CA GLN F 34 8.80 -17.80 10.17
C GLN F 34 9.80 -18.59 11.01
N ALA F 35 9.94 -18.19 12.26
CA ALA F 35 10.86 -18.87 13.18
C ALA F 35 10.20 -20.16 13.72
N VAL F 36 8.93 -20.10 14.08
CA VAL F 36 8.16 -21.30 14.48
C VAL F 36 8.37 -22.44 13.47
N GLU F 37 8.38 -22.06 12.20
CA GLU F 37 8.52 -23.03 11.11
C GLU F 37 9.93 -23.57 11.03
N GLY F 38 10.90 -22.67 11.05
CA GLY F 38 12.32 -23.07 11.03
C GLY F 38 12.65 -24.04 12.18
N ILE F 39 12.17 -23.68 13.35
CA ILE F 39 12.40 -24.47 14.59
C ILE F 39 11.83 -25.89 14.48
N ALA F 40 10.69 -26.01 13.80
CA ALA F 40 9.99 -27.30 13.61
C ALA F 40 10.77 -28.34 12.78
N ARG F 41 11.40 -27.90 11.70
CA ARG F 41 11.92 -28.82 10.65
C ARG F 41 13.03 -29.81 11.10
N GLN F 42 14.01 -29.31 11.83
CA GLN F 42 15.17 -30.10 12.25
C GLN F 42 15.51 -29.73 13.69
N PRO F 43 16.12 -30.65 14.45
CA PRO F 43 16.43 -30.23 15.83
C PRO F 43 17.73 -29.44 15.95
N GLU F 44 18.76 -29.90 15.26
CA GLU F 44 20.09 -29.29 15.31
C GLU F 44 20.54 -29.11 16.75
N ALA F 45 20.97 -27.91 17.10
CA ALA F 45 21.26 -27.55 18.48
C ALA F 45 20.13 -26.73 19.09
N GLU F 46 19.72 -27.14 20.28
CA GLU F 46 18.55 -26.55 20.95
C GLU F 46 18.83 -25.15 21.49
N GLY F 47 17.80 -24.32 21.48
CA GLY F 47 17.88 -22.98 22.13
C GLY F 47 18.94 -22.07 21.54
N LYS F 48 19.09 -22.11 20.23
CA LYS F 48 20.06 -21.28 19.53
C LYS F 48 19.36 -20.22 18.69
N ILE F 49 18.29 -20.67 18.07
CA ILE F 49 17.51 -19.82 17.17
C ILE F 49 16.53 -18.87 17.87
N ARG F 50 15.60 -19.44 18.64
CA ARG F 50 14.62 -18.62 19.40
C ARG F 50 15.34 -17.48 20.11
N GLY F 51 16.56 -17.79 20.53
CA GLY F 51 17.44 -16.84 21.21
C GLY F 51 17.55 -15.53 20.47
N THR F 52 17.79 -15.59 19.17
CA THR F 52 17.82 -14.36 18.37
C THR F 52 16.41 -13.75 18.19
N LEU F 53 15.39 -14.62 18.16
CA LEU F 53 13.98 -14.22 17.99
C LEU F 53 13.56 -13.26 19.09
N LEU F 54 13.75 -13.69 20.32
CA LEU F 54 13.58 -12.78 21.45
C LEU F 54 14.37 -11.48 21.19
N LEU F 55 15.64 -11.64 20.83
CA LEU F 55 16.53 -10.49 20.62
C LEU F 55 15.81 -9.42 19.82
N SER F 56 15.36 -9.82 18.66
CA SER F 56 14.70 -8.88 17.78
C SER F 56 13.28 -8.60 18.25
N LEU F 57 12.51 -9.59 18.67
CA LEU F 57 11.15 -9.38 19.25
C LEU F 57 11.19 -8.29 20.32
N ALA F 58 12.29 -8.30 21.04
CA ALA F 58 12.52 -7.31 22.10
C ALA F 58 12.76 -5.92 21.55
N PHE F 59 13.77 -5.81 20.70
CA PHE F 59 14.17 -4.53 20.11
C PHE F 59 13.00 -3.73 19.51
N MET F 60 12.06 -4.49 19.00
CA MET F 60 10.87 -4.00 18.31
C MET F 60 9.86 -3.47 19.31
N GLU F 61 9.55 -4.31 20.30
CA GLU F 61 8.64 -3.89 21.37
C GLU F 61 9.26 -2.73 22.19
N ALA F 62 10.57 -2.65 22.14
CA ALA F 62 11.39 -1.67 22.88
C ALA F 62 11.12 -0.26 22.41
N LEU F 63 11.35 -0.07 21.14
CA LEU F 63 11.18 1.25 20.56
C LEU F 63 9.70 1.71 20.64
N THR F 64 8.76 0.77 20.75
CA THR F 64 7.30 1.09 20.83
C THR F 64 6.96 1.64 22.24
N ILE F 65 7.64 1.08 23.23
CA ILE F 65 7.59 1.58 24.60
C ILE F 65 8.31 2.91 24.67
N TYR F 66 9.49 2.92 24.07
CA TYR F 66 10.40 4.10 24.14
C TYR F 66 9.55 5.34 23.78
N GLY F 67 8.60 5.12 22.90
CA GLY F 67 7.61 6.15 22.53
C GLY F 67 6.59 6.33 23.65
N LEU F 68 5.91 5.25 23.99
CA LEU F 68 4.89 5.30 25.05
C LEU F 68 5.44 6.05 26.29
N VAL F 69 6.75 5.90 26.45
CA VAL F 69 7.51 6.59 27.52
C VAL F 69 7.49 8.09 27.34
N VAL F 70 7.93 8.53 26.16
CA VAL F 70 7.97 9.96 25.81
C VAL F 70 6.51 10.54 25.86
N ALA F 71 5.53 9.66 25.64
CA ALA F 71 4.08 9.99 25.61
C ALA F 71 3.57 10.43 26.98
N LEU F 72 3.87 9.58 27.94
CA LEU F 72 3.48 9.84 29.36
C LEU F 72 4.43 10.86 30.04
N ALA F 73 5.66 10.89 29.53
CA ALA F 73 6.69 11.86 29.99
C ALA F 73 6.30 13.33 29.72
N LEU F 74 5.48 13.52 28.70
CA LEU F 74 4.91 14.86 28.35
C LEU F 74 3.87 15.29 29.40
N LEU F 75 3.14 14.29 29.89
CA LEU F 75 2.02 14.51 30.84
C LEU F 75 2.34 15.47 32.00
N ASN G 2 1.01 32.94 24.56
CA ASN G 2 2.07 32.79 23.50
C ASN G 2 2.82 31.47 23.69
N PRO G 3 3.16 31.20 24.94
CA PRO G 3 3.81 30.01 25.40
C PRO G 3 2.92 28.81 25.14
N LEU G 4 1.61 29.04 25.23
CA LEU G 4 0.61 27.95 24.99
C LEU G 4 0.81 27.35 23.60
N ILE G 5 0.94 28.25 22.63
CA ILE G 5 1.24 27.91 21.22
C ILE G 5 2.60 27.27 20.98
N ALA G 6 3.60 27.97 21.38
CA ALA G 6 4.95 27.47 21.27
C ALA G 6 5.03 26.05 21.87
N ALA G 7 4.30 25.87 22.97
CA ALA G 7 4.28 24.58 23.73
C ALA G 7 3.65 23.44 22.94
N ALA G 8 2.43 23.69 22.50
CA ALA G 8 1.75 22.75 21.63
C ALA G 8 2.78 22.31 20.51
N SER G 9 3.63 23.24 20.03
CA SER G 9 4.70 23.02 18.97
C SER G 9 5.68 21.96 19.31
N VAL G 10 6.29 22.23 20.40
CA VAL G 10 7.04 21.22 20.99
C VAL G 10 6.26 19.93 21.16
N ILE G 11 4.99 20.05 21.56
CA ILE G 11 4.12 18.84 21.84
C ILE G 11 4.03 17.93 20.64
N ALA G 12 3.44 18.51 19.61
CA ALA G 12 3.42 17.90 18.31
C ALA G 12 4.82 17.38 17.91
N ALA G 13 5.85 18.25 17.92
CA ALA G 13 7.27 17.87 17.49
C ALA G 13 7.76 16.56 18.16
N GLY G 14 7.39 16.48 19.41
CA GLY G 14 7.52 15.21 20.10
C GLY G 14 6.86 14.07 19.30
N LEU G 15 5.50 14.15 19.13
CA LEU G 15 4.43 13.11 18.58
C LEU G 15 4.64 12.44 17.18
N ALA G 16 5.15 13.27 16.26
CA ALA G 16 5.57 12.96 14.89
C ALA G 16 7.01 12.34 14.79
N VAL G 17 7.67 12.24 15.94
CA VAL G 17 8.82 11.32 16.18
C VAL G 17 8.27 9.93 16.65
N GLY G 18 6.92 9.78 16.71
CA GLY G 18 6.10 8.54 16.90
C GLY G 18 5.76 7.89 15.57
N LEU G 19 5.97 8.65 14.51
CA LEU G 19 5.92 8.22 13.10
C LEU G 19 7.15 7.43 12.69
N ALA G 20 8.22 7.90 13.24
CA ALA G 20 9.52 7.24 12.97
C ALA G 20 9.41 5.72 13.21
N SER G 21 8.71 5.46 14.28
CA SER G 21 8.68 4.17 14.94
C SER G 21 8.03 3.15 14.13
N ILE G 22 7.06 3.61 13.43
CA ILE G 22 6.58 2.70 12.47
C ILE G 22 7.73 2.25 11.51
N GLY G 23 8.31 3.15 10.74
CA GLY G 23 9.01 2.79 9.54
C GLY G 23 10.18 1.96 9.94
N PRO G 24 10.87 2.42 10.98
CA PRO G 24 11.96 1.64 11.56
C PRO G 24 11.56 0.17 11.92
N GLY G 25 10.48 0.06 12.68
CA GLY G 25 9.98 -1.24 13.21
C GLY G 25 9.78 -2.27 12.11
N VAL G 26 9.52 -1.75 10.95
CA VAL G 26 9.49 -2.46 9.71
C VAL G 26 10.72 -3.23 9.39
N GLY G 27 11.78 -2.54 9.05
CA GLY G 27 12.91 -3.24 8.49
C GLY G 27 13.46 -4.23 9.48
N GLN G 28 13.38 -3.82 10.73
CA GLN G 28 13.91 -4.65 11.86
C GLN G 28 13.34 -6.09 11.91
N GLY G 29 12.02 -6.14 11.95
CA GLY G 29 11.30 -7.42 11.89
C GLY G 29 11.77 -8.28 10.72
N THR G 30 12.16 -7.65 9.60
CA THR G 30 12.59 -8.29 8.28
C THR G 30 13.91 -9.03 8.44
N ALA G 31 14.86 -8.31 9.00
CA ALA G 31 16.18 -8.85 9.28
C ALA G 31 16.01 -10.17 10.08
N ALA G 32 15.35 -9.99 11.22
CA ALA G 32 15.13 -11.04 12.23
C ALA G 32 14.45 -12.31 11.67
N GLY G 33 13.36 -12.06 11.00
CA GLY G 33 12.63 -13.18 10.37
C GLY G 33 13.57 -14.02 9.50
N GLN G 34 14.27 -13.30 8.62
CA GLN G 34 15.13 -13.92 7.59
C GLN G 34 16.33 -14.62 8.20
N ALA G 35 16.75 -14.12 9.34
CA ALA G 35 17.88 -14.71 10.05
C ALA G 35 17.45 -15.99 10.79
N VAL G 36 16.31 -15.95 11.47
CA VAL G 36 15.75 -17.14 12.16
C VAL G 36 15.74 -18.36 11.16
N GLU G 37 15.42 -18.05 9.91
CA GLU G 37 15.33 -19.05 8.84
C GLU G 37 16.72 -19.55 8.46
N GLY G 38 17.59 -18.61 8.13
CA GLY G 38 18.99 -18.92 7.71
C GLY G 38 19.65 -19.85 8.71
N ILE G 39 19.50 -19.48 9.98
CA ILE G 39 20.08 -20.29 11.06
C ILE G 39 19.48 -21.70 11.07
N ALA G 40 18.19 -21.79 10.81
CA ALA G 40 17.53 -23.09 10.85
C ALA G 40 18.18 -24.05 9.86
N ARG G 41 18.50 -23.52 8.69
CA ARG G 41 19.19 -24.29 7.63
C ARG G 41 20.60 -24.70 8.10
N GLN G 42 21.28 -23.76 8.73
CA GLN G 42 22.66 -23.95 9.14
C GLN G 42 22.84 -23.79 10.65
N PRO G 43 23.49 -24.78 11.27
CA PRO G 43 23.81 -24.75 12.71
C PRO G 43 24.75 -23.59 13.05
N GLU G 44 25.67 -23.31 12.13
CA GLU G 44 26.73 -22.32 12.32
C GLU G 44 26.19 -20.90 12.50
N ALA G 45 25.13 -20.58 11.78
CA ALA G 45 24.57 -19.22 11.81
C ALA G 45 24.14 -18.88 13.23
N GLU G 46 23.54 -19.85 13.90
CA GLU G 46 23.22 -19.72 15.32
C GLU G 46 24.54 -19.71 16.09
N GLY G 47 24.57 -18.97 17.18
CA GLY G 47 25.80 -18.89 18.00
C GLY G 47 26.98 -18.39 17.19
N LYS G 48 26.74 -17.37 16.37
CA LYS G 48 27.77 -16.83 15.48
C LYS G 48 27.13 -15.99 14.38
N ILE G 49 26.37 -16.66 13.53
CA ILE G 49 25.59 -15.96 12.50
C ILE G 49 24.58 -15.06 13.20
N ARG G 50 24.03 -15.58 14.28
CA ARG G 50 23.07 -14.84 15.11
C ARG G 50 23.69 -13.58 15.70
N GLY G 51 24.94 -13.69 16.07
CA GLY G 51 25.66 -12.59 16.73
C GLY G 51 25.67 -11.34 15.88
N THR G 52 25.93 -11.50 14.59
CA THR G 52 25.83 -10.40 13.64
C THR G 52 24.42 -9.79 13.72
N LEU G 53 23.45 -10.66 13.90
CA LEU G 53 22.04 -10.26 13.99
C LEU G 53 21.94 -9.26 15.13
N LEU G 54 22.68 -9.51 16.18
CA LEU G 54 22.81 -8.55 17.29
C LEU G 54 23.35 -7.26 16.72
N LEU G 55 24.33 -7.36 15.83
CA LEU G 55 24.83 -6.18 15.09
C LEU G 55 23.66 -5.37 14.60
N SER G 56 22.78 -6.06 13.91
CA SER G 56 21.59 -5.42 13.38
C SER G 56 20.55 -5.16 14.46
N LEU G 57 20.24 -6.13 15.33
CA LEU G 57 19.21 -5.95 16.39
C LEU G 57 19.52 -4.66 17.14
N ALA G 58 20.80 -4.42 17.21
CA ALA G 58 21.31 -3.17 17.82
C ALA G 58 21.06 -1.89 17.03
N PHE G 59 21.56 -1.90 15.80
CA PHE G 59 21.47 -0.74 14.87
C PHE G 59 20.02 -0.22 14.78
N MET G 60 19.09 -1.15 14.97
CA MET G 60 17.64 -0.95 14.88
C MET G 60 17.10 -0.28 16.12
N GLU G 61 17.40 -0.87 17.25
CA GLU G 61 17.05 -0.27 18.51
C GLU G 61 17.75 1.09 18.72
N ALA G 62 18.84 1.28 17.99
CA ALA G 62 19.67 2.50 17.99
C ALA G 62 19.00 3.75 17.41
N LEU G 63 18.56 3.56 16.19
CA LEU G 63 17.86 4.63 15.47
C LEU G 63 16.47 4.97 16.13
N THR G 64 15.91 4.06 16.95
CA THR G 64 14.60 4.23 17.75
C THR G 64 14.73 5.14 18.98
N ILE G 65 15.90 5.06 19.55
CA ILE G 65 16.31 6.04 20.53
C ILE G 65 16.66 7.37 19.83
N TYR G 66 17.44 7.27 18.75
CA TYR G 66 17.94 8.44 18.01
C TYR G 66 16.75 9.37 17.74
N GLY G 67 15.59 8.75 17.57
CA GLY G 67 14.31 9.48 17.46
C GLY G 67 13.88 10.04 18.81
N LEU G 68 13.73 9.15 19.79
CA LEU G 68 13.32 9.60 21.15
C LEU G 68 14.25 10.76 21.63
N VAL G 69 15.47 10.75 21.08
CA VAL G 69 16.51 11.83 21.24
C VAL G 69 16.05 13.15 20.70
N VAL G 70 15.76 13.11 19.41
CA VAL G 70 15.19 14.26 18.68
C VAL G 70 13.96 14.83 19.40
N ALA G 71 13.24 13.90 19.99
CA ALA G 71 11.97 14.17 20.70
C ALA G 71 12.21 15.11 21.89
N LEU G 72 13.18 14.70 22.69
CA LEU G 72 13.54 15.55 23.85
C LEU G 72 14.50 16.72 23.45
N ALA G 73 15.27 16.50 22.36
CA ALA G 73 16.35 17.44 21.81
C ALA G 73 15.81 18.82 21.47
N LEU G 74 14.53 18.88 21.28
CA LEU G 74 13.96 20.24 21.30
C LEU G 74 13.82 20.84 22.74
N LEU G 75 13.26 20.03 23.63
CA LEU G 75 12.46 20.54 24.84
C LEU G 75 12.83 21.94 25.60
N ASN H 2 3.69 36.29 16.99
CA ASN H 2 4.22 35.87 15.66
C ASN H 2 5.33 34.83 15.87
N PRO H 3 6.27 35.11 16.78
CA PRO H 3 7.32 34.14 17.13
C PRO H 3 6.70 32.84 17.64
N LEU H 4 5.54 32.95 18.26
CA LEU H 4 4.83 31.79 18.79
C LEU H 4 4.53 30.76 17.70
N ILE H 5 3.95 31.27 16.63
CA ILE H 5 3.64 30.53 15.39
C ILE H 5 4.87 29.98 14.65
N ALA H 6 5.80 30.85 14.36
CA ALA H 6 7.08 30.47 13.75
C ALA H 6 7.76 29.32 14.55
N ALA H 7 7.63 29.44 15.85
CA ALA H 7 8.27 28.49 16.80
C ALA H 7 7.64 27.10 16.69
N ALA H 8 6.33 27.10 16.77
CA ALA H 8 5.62 25.87 16.54
C ALA H 8 6.06 25.24 15.21
N SER H 9 6.27 26.07 14.19
CA SER H 9 6.71 25.60 12.85
C SER H 9 8.03 24.84 12.82
N VAL H 10 9.02 25.47 13.41
CA VAL H 10 10.30 24.79 13.65
C VAL H 10 10.10 23.51 14.54
N ILE H 11 9.26 23.58 15.58
CA ILE H 11 9.04 22.43 16.56
C ILE H 11 8.48 21.18 15.84
N ALA H 12 7.39 21.35 15.12
CA ALA H 12 6.88 20.34 14.21
C ALA H 12 7.93 19.90 13.18
N ALA H 13 8.45 20.82 12.37
CA ALA H 13 9.52 20.50 11.31
C ALA H 13 10.58 19.52 11.86
N GLY H 14 10.96 19.83 13.09
CA GLY H 14 11.88 19.02 13.86
C GLY H 14 11.30 17.64 14.03
N LEU H 15 10.23 17.53 14.78
CA LEU H 15 9.80 16.19 15.20
C LEU H 15 9.25 15.32 14.05
N ALA H 16 8.84 15.95 12.97
CA ALA H 16 8.35 15.28 11.75
C ALA H 16 9.53 14.90 10.82
N VAL H 17 10.74 15.20 11.23
CA VAL H 17 11.91 14.54 10.64
C VAL H 17 12.18 13.21 11.46
N GLY H 18 11.34 12.89 12.46
CA GLY H 18 11.25 11.61 13.23
C GLY H 18 10.24 10.63 12.62
N LEU H 19 9.39 11.11 11.74
CA LEU H 19 8.54 10.23 10.90
C LEU H 19 9.34 9.54 9.77
N ALA H 20 10.29 10.32 9.23
CA ALA H 20 11.25 9.92 8.12
C ALA H 20 11.91 8.56 8.42
N SER H 21 12.20 8.41 9.69
CA SER H 21 12.96 7.23 10.19
C SER H 21 12.25 5.91 9.94
N ILE H 22 10.94 5.91 10.14
CA ILE H 22 10.17 4.69 10.00
C ILE H 22 10.24 4.12 8.59
N GLY H 23 10.12 4.96 7.59
CA GLY H 23 10.20 4.51 6.21
C GLY H 23 11.56 3.93 5.88
N PRO H 24 12.62 4.64 6.33
CA PRO H 24 13.98 4.14 6.17
C PRO H 24 14.22 2.83 6.95
N GLY H 25 13.68 2.77 8.16
CA GLY H 25 13.93 1.62 9.06
C GLY H 25 13.48 0.28 8.48
N VAL H 26 12.32 0.28 7.84
CA VAL H 26 11.79 -0.94 7.20
C VAL H 26 12.71 -1.42 6.10
N GLY H 27 13.18 -0.46 5.29
CA GLY H 27 14.08 -0.77 4.18
C GLY H 27 15.42 -1.33 4.64
N GLN H 28 15.95 -0.73 5.69
CA GLN H 28 17.26 -1.15 6.23
C GLN H 28 17.24 -2.60 6.73
N GLY H 29 16.15 -2.95 7.39
CA GLY H 29 16.01 -4.31 7.95
C GLY H 29 16.02 -5.41 6.92
N THR H 30 15.38 -5.15 5.80
CA THR H 30 15.24 -6.17 4.74
C THR H 30 16.67 -6.65 4.23
N ALA H 31 17.58 -5.71 4.02
CA ALA H 31 18.95 -5.96 3.59
C ALA H 31 19.61 -6.99 4.53
N ALA H 32 19.57 -6.61 5.81
CA ALA H 32 20.19 -7.35 6.95
C ALA H 32 19.72 -8.82 7.10
N GLY H 33 18.42 -8.94 7.02
CA GLY H 33 17.80 -10.28 6.98
C GLY H 33 18.43 -11.14 5.90
N GLN H 34 18.35 -10.63 4.66
CA GLN H 34 18.75 -11.36 3.43
C GLN H 34 20.23 -11.71 3.47
N ALA H 35 20.99 -10.92 4.21
CA ALA H 35 22.42 -11.14 4.40
C ALA H 35 22.72 -12.18 5.50
N VAL H 36 22.04 -12.09 6.63
CA VAL H 36 22.18 -13.12 7.68
C VAL H 36 22.00 -14.54 7.08
N GLU H 37 21.10 -14.59 6.12
CA GLU H 37 20.74 -15.83 5.40
C GLU H 37 21.86 -16.25 4.45
N GLY H 38 22.20 -15.35 3.53
CA GLY H 38 23.23 -15.67 2.51
C GLY H 38 24.48 -16.22 3.17
N ILE H 39 24.85 -15.55 4.26
CA ILE H 39 25.99 -15.90 5.09
C ILE H 39 25.84 -17.31 5.68
N ALA H 40 24.64 -17.62 6.13
CA ALA H 40 24.40 -18.94 6.76
C ALA H 40 24.83 -20.10 5.80
N ARG H 41 24.64 -19.86 4.51
CA ARG H 41 25.08 -20.81 3.46
C ARG H 41 26.62 -21.01 3.46
N GLN H 42 27.34 -19.92 3.58
CA GLN H 42 28.81 -19.96 3.46
C GLN H 42 29.54 -19.11 4.48
N PRO H 43 30.77 -19.51 4.81
CA PRO H 43 31.70 -18.78 5.69
C PRO H 43 32.11 -17.41 5.14
N GLU H 44 32.21 -17.31 3.81
CA GLU H 44 32.80 -16.12 3.14
C GLU H 44 32.02 -14.83 3.39
N ALA H 45 30.71 -14.95 3.49
CA ALA H 45 29.83 -13.77 3.62
C ALA H 45 30.19 -12.98 4.87
N GLU H 46 30.49 -13.68 5.96
CA GLU H 46 30.97 -13.06 7.18
C GLU H 46 32.37 -12.54 6.90
N GLY H 47 32.59 -11.26 7.14
CA GLY H 47 33.89 -10.66 6.82
C GLY H 47 33.95 -10.26 5.35
N LYS H 48 32.92 -10.65 4.60
CA LYS H 48 32.76 -10.24 3.23
C LYS H 48 31.33 -9.72 2.99
N ILE H 49 30.38 -10.64 3.14
CA ILE H 49 28.95 -10.32 3.09
C ILE H 49 28.59 -9.35 4.20
N ARG H 50 29.18 -9.57 5.37
CA ARG H 50 28.98 -8.65 6.52
C ARG H 50 29.44 -7.25 6.12
N GLY H 51 30.54 -7.22 5.39
CA GLY H 51 31.03 -5.96 4.80
C GLY H 51 29.87 -5.13 4.28
N THR H 52 28.96 -5.78 3.58
CA THR H 52 27.73 -5.06 3.13
C THR H 52 26.82 -4.73 4.28
N LEU H 53 26.83 -5.62 5.29
CA LEU H 53 25.96 -5.55 6.48
C LEU H 53 26.16 -4.25 7.22
N LEU H 54 27.40 -4.05 7.60
CA LEU H 54 27.76 -2.74 8.09
C LEU H 54 27.25 -1.63 7.12
N LEU H 55 27.54 -1.80 5.84
CA LEU H 55 27.20 -0.80 4.82
C LEU H 55 25.80 -0.28 5.00
N SER H 56 24.91 -1.21 4.92
CA SER H 56 23.56 -0.78 5.07
C SER H 56 23.26 -0.47 6.57
N LEU H 57 23.76 -1.25 7.56
CA LEU H 57 23.49 -1.01 9.04
C LEU H 57 23.81 0.45 9.34
N ALA H 58 24.81 0.89 8.62
CA ALA H 58 25.25 2.28 8.74
C ALA H 58 24.26 3.26 8.12
N PHE H 59 23.99 3.05 6.86
CA PHE H 59 23.11 3.92 6.06
C PHE H 59 21.77 4.22 6.74
N MET H 60 21.33 3.20 7.47
CA MET H 60 20.07 3.18 8.17
C MET H 60 20.19 4.04 9.41
N GLU H 61 21.15 3.73 10.26
CA GLU H 61 21.30 4.52 11.50
C GLU H 61 21.66 6.00 11.17
N ALA H 62 22.15 6.18 9.94
CA ALA H 62 22.59 7.48 9.42
C ALA H 62 21.41 8.41 9.25
N LEU H 63 20.46 7.98 8.46
CA LEU H 63 19.29 8.82 8.11
C LEU H 63 18.42 9.08 9.36
N THR H 64 18.58 8.25 10.39
CA THR H 64 17.86 8.41 11.69
C THR H 64 18.44 9.54 12.56
N ILE H 65 19.75 9.63 12.51
CA ILE H 65 20.42 10.76 13.11
C ILE H 65 20.14 12.03 12.30
N TYR H 66 20.25 11.87 11.00
CA TYR H 66 20.14 13.01 10.06
C TYR H 66 18.87 13.77 10.41
N GLY H 67 17.88 13.01 10.86
CA GLY H 67 16.64 13.59 11.35
C GLY H 67 16.87 14.22 12.70
N LEU H 68 17.33 13.41 13.64
CA LEU H 68 17.58 13.90 15.01
C LEU H 68 18.37 15.22 14.95
N VAL H 69 19.18 15.32 13.91
CA VAL H 69 19.98 16.51 13.60
C VAL H 69 19.08 17.71 13.31
N VAL H 70 18.21 17.52 12.33
CA VAL H 70 17.23 18.57 11.94
C VAL H 70 16.32 18.96 13.12
N ALA H 71 16.15 17.99 13.99
CA ALA H 71 15.30 18.11 15.17
C ALA H 71 15.89 19.12 16.17
N LEU H 72 17.15 18.90 16.50
CA LEU H 72 17.87 19.80 17.43
C LEU H 72 18.34 21.10 16.73
N ALA H 73 18.51 20.99 15.41
CA ALA H 73 18.82 22.16 14.54
C ALA H 73 17.73 23.27 14.55
N LEU H 74 16.52 22.85 14.86
CA LEU H 74 15.43 23.81 15.30
C LEU H 74 15.46 24.59 16.76
N LEU H 75 15.58 23.84 17.94
CA LEU H 75 15.49 24.05 19.59
C LEU H 75 15.88 25.35 20.40
N ASN I 2 6.86 39.16 9.47
CA ASN I 2 7.01 38.71 8.07
C ASN I 2 7.98 37.52 7.97
N PRO I 3 9.14 37.63 8.64
CA PRO I 3 10.08 36.52 8.73
C PRO I 3 9.44 35.31 9.37
N LEU I 4 8.50 35.57 10.26
CA LEU I 4 7.78 34.50 10.96
C LEU I 4 7.09 33.55 9.96
N ILE I 5 6.35 34.16 9.04
CA ILE I 5 5.64 33.48 7.93
C ILE I 5 6.57 32.79 6.91
N ALA I 6 7.56 33.53 6.43
CA ALA I 6 8.62 33.02 5.55
C ALA I 6 9.31 31.79 6.19
N ALA I 7 9.51 31.89 7.49
CA ALA I 7 10.20 30.85 8.27
C ALA I 7 9.38 29.56 8.28
N ALA I 8 8.12 29.72 8.65
CA ALA I 8 7.18 28.60 8.59
C ALA I 8 7.15 27.99 7.18
N SER I 9 7.22 28.82 6.14
CA SER I 9 7.34 28.28 4.74
C SER I 9 8.60 27.41 4.51
N VAL I 10 9.75 27.95 4.87
CA VAL I 10 11.03 27.24 4.85
C VAL I 10 10.91 25.98 5.73
N ILE I 11 10.25 26.08 6.88
CA ILE I 11 10.05 24.94 7.82
C ILE I 11 9.31 23.78 7.10
N ALA I 12 8.11 24.07 6.63
CA ALA I 12 7.34 23.11 5.86
C ALA I 12 8.15 22.63 4.66
N ALA I 13 8.65 23.54 3.84
CA ALA I 13 9.51 23.14 2.67
C ALA I 13 10.56 22.05 3.08
N GLY I 14 11.12 22.30 4.25
CA GLY I 14 12.11 21.42 4.85
C GLY I 14 11.57 20.02 5.09
N LEU I 15 10.48 19.93 5.83
CA LEU I 15 9.72 18.67 6.17
C LEU I 15 9.50 17.73 4.98
N ALA I 16 9.16 18.39 3.89
CA ALA I 16 8.80 17.70 2.65
C ALA I 16 10.06 17.28 1.88
N VAL I 17 11.21 17.66 2.38
CA VAL I 17 12.42 16.97 1.93
C VAL I 17 12.49 15.60 2.66
N GLY I 18 11.75 15.48 3.76
CA GLY I 18 11.77 14.25 4.60
C GLY I 18 11.03 13.19 3.83
N LEU I 19 10.02 13.62 3.10
CA LEU I 19 9.20 12.67 2.33
C LEU I 19 10.07 12.06 1.21
N ALA I 20 10.82 12.94 0.59
CA ALA I 20 11.67 12.61 -0.58
C ALA I 20 12.68 11.54 -0.23
N SER I 21 13.23 11.80 0.92
CA SER I 21 14.28 11.05 1.52
C SER I 21 13.83 9.61 1.75
N ILE I 22 12.58 9.46 2.18
CA ILE I 22 11.96 8.14 2.34
C ILE I 22 12.24 7.31 1.06
N GLY I 23 11.73 7.77 -0.08
CA GLY I 23 11.77 7.01 -1.34
C GLY I 23 13.18 6.72 -1.86
N PRO I 24 14.04 7.76 -1.95
CA PRO I 24 15.47 7.63 -2.26
C PRO I 24 16.17 6.61 -1.39
N GLY I 25 15.94 6.73 -0.08
CA GLY I 25 16.57 5.90 0.96
C GLY I 25 16.23 4.42 0.83
N VAL I 26 15.00 4.12 0.47
CA VAL I 26 14.60 2.78 0.00
C VAL I 26 15.54 2.24 -1.10
N GLY I 27 15.65 2.98 -2.20
CA GLY I 27 16.26 2.46 -3.45
C GLY I 27 17.75 2.15 -3.28
N GLN I 28 18.42 3.03 -2.60
CA GLN I 28 19.82 2.82 -2.17
C GLN I 28 19.92 1.50 -1.42
N GLY I 29 19.07 1.35 -0.40
CA GLY I 29 18.99 0.12 0.43
C GLY I 29 18.81 -1.15 -0.37
N THR I 30 18.15 -0.99 -1.52
CA THR I 30 17.82 -2.07 -2.46
C THR I 30 19.06 -2.56 -3.21
N ALA I 31 19.74 -1.61 -3.82
CA ALA I 31 20.97 -1.92 -4.54
C ALA I 31 21.86 -2.82 -3.67
N ALA I 32 22.13 -2.28 -2.48
CA ALA I 32 22.97 -2.86 -1.42
C ALA I 32 22.54 -4.26 -0.96
N GLY I 33 21.28 -4.36 -0.62
CA GLY I 33 20.72 -5.65 -0.18
C GLY I 33 21.01 -6.73 -1.20
N GLN I 34 20.68 -6.41 -2.44
CA GLN I 34 20.79 -7.34 -3.58
C GLN I 34 22.22 -7.66 -3.92
N ALA I 35 23.09 -6.73 -3.64
CA ALA I 35 24.52 -6.94 -3.89
C ALA I 35 25.15 -7.81 -2.79
N VAL I 36 24.82 -7.57 -1.52
CA VAL I 36 25.27 -8.45 -0.41
C VAL I 36 24.99 -9.94 -0.71
N GLU I 37 23.85 -10.15 -1.34
CA GLU I 37 23.42 -11.49 -1.70
C GLU I 37 24.26 -12.02 -2.84
N GLY I 38 24.31 -11.26 -3.90
CA GLY I 38 25.06 -11.69 -5.11
C GLY I 38 26.48 -12.10 -4.72
N ILE I 39 27.10 -11.24 -3.92
CA ILE I 39 28.48 -11.43 -3.42
C ILE I 39 28.59 -12.72 -2.62
N ALA I 40 27.57 -13.00 -1.82
CA ALA I 40 27.62 -14.21 -0.99
C ALA I 40 27.87 -15.44 -1.89
N ARG I 41 27.31 -15.43 -3.08
CA ARG I 41 27.45 -16.60 -3.94
C ARG I 41 28.93 -17.07 -4.04
N GLN I 42 29.86 -16.16 -4.31
CA GLN I 42 31.31 -16.54 -4.37
C GLN I 42 32.30 -15.39 -4.26
N PRO I 43 33.51 -15.71 -3.80
CA PRO I 43 34.58 -14.73 -3.56
C PRO I 43 35.29 -14.17 -4.81
N GLU I 44 35.54 -15.02 -5.80
CA GLU I 44 36.45 -14.69 -6.94
C GLU I 44 35.99 -13.56 -7.88
N ALA I 45 34.68 -13.52 -8.11
CA ALA I 45 34.07 -12.71 -9.20
C ALA I 45 34.29 -11.18 -9.06
N GLU I 46 34.25 -10.72 -7.82
CA GLU I 46 34.17 -9.26 -7.50
C GLU I 46 35.15 -8.43 -8.30
N GLY I 47 34.71 -7.25 -8.68
CA GLY I 47 35.49 -6.39 -9.56
C GLY I 47 34.98 -6.13 -10.97
N LYS I 48 33.92 -6.83 -11.37
CA LYS I 48 33.13 -6.40 -12.54
C LYS I 48 31.83 -5.74 -12.09
N ILE I 49 31.34 -6.29 -11.00
CA ILE I 49 30.08 -5.93 -10.37
C ILE I 49 30.09 -4.67 -9.52
N ARG I 50 31.00 -4.60 -8.54
CA ARG I 50 31.11 -3.47 -7.62
C ARG I 50 31.08 -2.20 -8.47
N GLY I 51 31.66 -2.32 -9.65
CA GLY I 51 31.70 -1.25 -10.63
C GLY I 51 30.34 -0.65 -10.95
N THR I 52 29.38 -1.47 -11.32
CA THR I 52 28.07 -0.88 -11.55
C THR I 52 27.39 -0.45 -10.19
N LEU I 53 27.77 -1.12 -9.08
CA LEU I 53 27.16 -0.88 -7.76
C LEU I 53 27.35 0.56 -7.30
N LEU I 54 28.60 1.01 -7.30
CA LEU I 54 28.88 2.43 -7.08
C LEU I 54 27.97 3.28 -8.00
N LEU I 55 28.00 2.93 -9.29
CA LEU I 55 27.27 3.69 -10.33
C LEU I 55 25.88 4.03 -9.85
N SER I 56 25.17 2.98 -9.48
CA SER I 56 23.81 3.14 -8.99
C SER I 56 23.76 3.64 -7.55
N LEU I 57 24.58 3.12 -6.65
CA LEU I 57 24.65 3.62 -5.24
C LEU I 57 24.79 5.13 -5.26
N ALA I 58 25.54 5.59 -6.24
CA ALA I 58 25.76 7.03 -6.42
C ALA I 58 24.49 7.76 -6.83
N PHE I 59 23.92 7.30 -7.93
CA PHE I 59 22.72 7.93 -8.51
C PHE I 59 21.59 8.15 -7.49
N MET I 60 21.54 7.22 -6.55
CA MET I 60 20.52 7.14 -5.51
C MET I 60 20.80 8.17 -4.45
N GLU I 61 22.03 8.14 -3.97
CA GLU I 61 22.48 9.14 -2.99
C GLU I 61 22.41 10.57 -3.56
N ALA I 62 22.53 10.62 -4.88
CA ALA I 62 22.58 11.86 -5.64
C ALA I 62 21.29 12.63 -5.55
N LEU I 63 20.24 11.93 -5.92
CA LEU I 63 18.92 12.54 -5.93
C LEU I 63 18.41 12.86 -4.50
N THR I 64 18.96 12.17 -3.50
CA THR I 64 18.60 12.39 -2.06
C THR I 64 19.20 13.67 -1.49
N ILE I 65 20.40 13.95 -1.97
CA ILE I 65 21.04 15.23 -1.71
C ILE I 65 20.31 16.34 -2.47
N TYR I 66 20.08 16.05 -3.74
CA TYR I 66 19.52 17.05 -4.65
C TYR I 66 18.30 17.66 -3.94
N GLY I 67 17.61 16.81 -3.19
CA GLY I 67 16.48 17.25 -2.38
C GLY I 67 16.96 18.04 -1.17
N LEU I 68 17.81 17.43 -0.38
CA LEU I 68 18.34 18.14 0.81
C LEU I 68 18.86 19.54 0.41
N VAL I 69 19.32 19.63 -0.83
CA VAL I 69 19.82 20.89 -1.43
C VAL I 69 18.72 21.93 -1.54
N VAL I 70 17.65 21.50 -2.18
CA VAL I 70 16.47 22.33 -2.33
C VAL I 70 15.83 22.70 -0.96
N ALA I 71 16.06 21.81 0.00
CA ALA I 71 15.54 21.93 1.37
C ALA I 71 16.18 23.14 2.07
N LEU I 72 17.49 23.18 2.01
CA LEU I 72 18.22 24.31 2.66
C LEU I 72 18.14 25.60 1.81
N ALA I 73 17.99 25.38 0.50
CA ALA I 73 17.91 26.47 -0.50
C ALA I 73 16.68 27.39 -0.28
N LEU I 74 15.66 26.81 0.34
CA LEU I 74 14.41 27.50 0.79
C LEU I 74 14.72 28.42 1.97
N LEU I 75 15.60 27.96 2.83
CA LEU I 75 15.88 28.64 4.14
C LEU I 75 16.04 30.22 4.13
N ASN J 2 0.89 39.06 4.30
CA ASN J 2 1.37 39.07 2.84
C ASN J 2 2.53 38.15 2.26
N PRO J 3 3.70 38.41 2.83
CA PRO J 3 4.89 37.56 2.79
C PRO J 3 4.53 36.16 3.27
N LEU J 4 3.52 36.08 4.15
CA LEU J 4 2.98 34.86 4.78
C LEU J 4 2.58 33.90 3.70
N ILE J 5 1.76 34.43 2.79
CA ILE J 5 1.35 33.85 1.50
C ILE J 5 2.49 33.45 0.55
N ALA J 6 3.20 34.46 0.15
CA ALA J 6 4.32 34.23 -0.71
C ALA J 6 5.22 33.09 -0.13
N ALA J 7 5.36 33.10 1.18
CA ALA J 7 6.23 32.15 1.89
C ALA J 7 5.70 30.75 1.82
N ALA J 8 4.46 30.64 2.20
CA ALA J 8 3.86 29.37 1.98
C ALA J 8 4.11 28.91 0.52
N SER J 9 4.03 29.80 -0.49
CA SER J 9 4.16 29.45 -1.95
C SER J 9 5.45 28.78 -2.23
N VAL J 10 6.45 29.47 -1.83
CA VAL J 10 7.72 28.83 -1.85
C VAL J 10 7.85 27.52 -1.08
N ILE J 11 7.19 27.47 0.09
CA ILE J 11 7.16 26.27 1.02
C ILE J 11 6.58 25.02 0.35
N ALA J 12 5.35 25.16 -0.09
CA ALA J 12 4.74 24.19 -0.97
C ALA J 12 5.66 23.87 -2.14
N ALA J 13 6.08 24.86 -2.93
CA ALA J 13 6.99 24.65 -4.15
C ALA J 13 8.21 23.75 -3.87
N GLY J 14 8.80 24.03 -2.74
CA GLY J 14 9.81 23.09 -2.23
C GLY J 14 9.29 21.67 -2.05
N LEU J 15 8.25 21.58 -1.22
CA LEU J 15 7.68 20.40 -0.53
C LEU J 15 7.15 19.21 -1.35
N ALA J 16 6.31 19.57 -2.31
CA ALA J 16 5.69 18.62 -3.22
C ALA J 16 6.74 18.20 -4.32
N VAL J 17 7.96 18.79 -4.27
CA VAL J 17 9.21 18.31 -4.92
C VAL J 17 9.90 17.27 -4.01
N GLY J 18 9.33 17.04 -2.82
CA GLY J 18 9.58 15.90 -1.87
C GLY J 18 8.72 14.66 -2.07
N LEU J 19 7.63 14.82 -2.75
CA LEU J 19 6.86 13.68 -3.14
C LEU J 19 7.58 12.91 -4.23
N ALA J 20 8.15 13.70 -5.12
CA ALA J 20 8.84 13.19 -6.34
C ALA J 20 9.78 12.05 -5.97
N SER J 21 10.43 12.29 -4.85
CA SER J 21 11.53 11.43 -4.35
C SER J 21 11.08 10.06 -3.92
N ILE J 22 9.96 10.03 -3.28
CA ILE J 22 9.45 8.75 -2.96
C ILE J 22 9.56 7.84 -4.22
N GLY J 23 8.88 8.21 -5.27
CA GLY J 23 8.63 7.29 -6.36
C GLY J 23 9.89 6.92 -7.07
N PRO J 24 10.65 7.96 -7.41
CA PRO J 24 11.94 7.93 -7.98
C PRO J 24 12.82 6.93 -7.25
N GLY J 25 12.92 7.06 -5.94
CA GLY J 25 13.83 6.23 -5.13
C GLY J 25 13.52 4.72 -5.23
N VAL J 26 12.26 4.39 -5.36
CA VAL J 26 11.84 3.03 -5.67
C VAL J 26 12.45 2.39 -6.94
N GLY J 27 12.37 3.07 -8.05
CA GLY J 27 12.86 2.45 -9.29
C GLY J 27 14.38 2.33 -9.42
N GLN J 28 15.06 3.34 -8.97
CA GLN J 28 16.56 3.43 -8.94
C GLN J 28 17.20 2.29 -8.19
N GLY J 29 16.69 2.08 -6.99
CA GLY J 29 17.05 0.93 -6.16
C GLY J 29 16.87 -0.38 -6.92
N THR J 30 15.85 -0.46 -7.79
CA THR J 30 15.45 -1.71 -8.54
C THR J 30 16.54 -2.08 -9.61
N ALA J 31 16.90 -1.09 -10.39
CA ALA J 31 17.98 -1.22 -11.37
C ALA J 31 19.24 -1.85 -10.75
N ALA J 32 19.63 -1.19 -9.67
CA ALA J 32 20.84 -1.52 -8.87
C ALA J 32 20.84 -2.90 -8.22
N GLY J 33 19.76 -3.17 -7.54
CA GLY J 33 19.56 -4.52 -6.98
C GLY J 33 19.90 -5.50 -8.09
N GLN J 34 19.19 -5.31 -9.21
CA GLN J 34 19.12 -6.20 -10.39
C GLN J 34 20.45 -6.37 -11.07
N ALA J 35 21.19 -5.34 -10.94
CA ALA J 35 22.50 -5.47 -11.42
C ALA J 35 23.41 -6.24 -10.42
N VAL J 36 23.38 -5.90 -9.13
CA VAL J 36 24.17 -6.60 -8.07
C VAL J 36 23.94 -8.16 -8.12
N GLU J 37 22.72 -8.51 -8.49
CA GLU J 37 22.34 -9.90 -8.72
C GLU J 37 22.93 -10.46 -10.03
N GLY J 38 22.64 -9.80 -11.15
CA GLY J 38 23.11 -10.26 -12.47
C GLY J 38 24.62 -10.56 -12.41
N ILE J 39 25.34 -9.61 -11.81
CA ILE J 39 26.78 -9.71 -11.61
C ILE J 39 27.17 -10.94 -10.80
N ALA J 40 26.40 -11.21 -9.75
CA ALA J 40 26.71 -12.38 -8.89
C ALA J 40 26.79 -13.67 -9.73
N ARG J 41 25.94 -13.75 -10.74
CA ARG J 41 25.85 -14.94 -11.60
C ARG J 41 27.14 -15.27 -12.41
N GLN J 42 27.68 -14.29 -13.12
CA GLN J 42 28.82 -14.49 -14.03
C GLN J 42 29.91 -13.42 -13.84
N PRO J 43 31.14 -13.84 -13.48
CA PRO J 43 32.19 -12.83 -13.15
C PRO J 43 32.81 -12.11 -14.37
N GLU J 44 33.10 -12.88 -15.41
CA GLU J 44 33.77 -12.35 -16.62
C GLU J 44 32.89 -11.37 -17.42
N ALA J 45 31.59 -11.67 -17.44
CA ALA J 45 30.59 -11.05 -18.37
C ALA J 45 30.51 -9.54 -18.21
N GLU J 46 30.67 -9.10 -16.97
CA GLU J 46 30.72 -7.66 -16.62
C GLU J 46 31.65 -6.94 -17.60
N GLY J 47 31.29 -5.73 -17.96
CA GLY J 47 31.98 -5.04 -19.03
C GLY J 47 31.18 -5.00 -20.33
N LYS J 48 30.14 -5.80 -20.40
CA LYS J 48 28.99 -5.54 -21.28
C LYS J 48 27.89 -4.80 -20.45
N ILE J 49 27.87 -5.24 -19.21
CA ILE J 49 26.92 -4.88 -18.19
C ILE J 49 27.14 -3.51 -17.61
N ARG J 50 28.16 -3.39 -16.78
CA ARG J 50 28.29 -2.23 -15.91
C ARG J 50 28.02 -1.01 -16.83
N GLY J 51 28.22 -1.21 -18.14
CA GLY J 51 27.87 -0.26 -19.22
C GLY J 51 26.43 0.22 -19.21
N THR J 52 25.48 -0.66 -19.18
CA THR J 52 24.16 -0.10 -19.00
C THR J 52 23.92 0.45 -17.52
N LEU J 53 24.69 -0.06 -16.53
CA LEU J 53 24.62 0.27 -15.01
C LEU J 53 24.82 1.74 -14.72
N LEU J 54 25.93 2.20 -15.18
CA LEU J 54 26.04 3.65 -15.28
C LEU J 54 24.79 4.30 -15.96
N LEU J 55 24.43 3.79 -17.15
CA LEU J 55 23.33 4.40 -18.03
C LEU J 55 22.13 4.73 -17.18
N SER J 56 21.68 3.72 -16.50
CA SER J 56 20.57 3.96 -15.62
C SER J 56 21.00 4.65 -14.31
N LEU J 57 22.14 4.29 -13.66
CA LEU J 57 22.65 4.94 -12.38
C LEU J 57 22.61 6.45 -12.57
N ALA J 58 22.92 6.81 -13.79
CA ALA J 58 22.88 8.20 -14.19
C ALA J 58 21.45 8.76 -14.24
N PHE J 59 20.63 8.13 -15.08
CA PHE J 59 19.25 8.62 -15.38
C PHE J 59 18.44 8.83 -14.08
N MET J 60 18.81 8.05 -13.07
CA MET J 60 18.23 7.99 -11.70
C MET J 60 18.68 9.15 -10.83
N GLU J 61 19.98 9.28 -10.73
CA GLU J 61 20.47 10.44 -10.00
C GLU J 61 19.91 11.71 -10.59
N ALA J 62 19.72 11.64 -11.89
CA ALA J 62 19.38 12.78 -12.73
C ALA J 62 18.07 13.36 -12.33
N LEU J 63 17.06 12.52 -12.46
CA LEU J 63 15.69 12.94 -12.18
C LEU J 63 15.57 13.36 -10.69
N THR J 64 16.42 12.82 -9.82
CA THR J 64 16.37 13.14 -8.38
C THR J 64 16.86 14.51 -8.03
N ILE J 65 17.86 14.80 -8.77
CA ILE J 65 18.30 16.09 -8.75
C ILE J 65 17.31 17.06 -9.42
N TYR J 66 16.89 16.64 -10.59
CA TYR J 66 16.08 17.51 -11.44
C TYR J 66 15.04 18.11 -10.54
N GLY J 67 14.60 17.29 -9.59
CA GLY J 67 13.57 17.69 -8.61
C GLY J 67 14.18 18.65 -7.61
N LEU J 68 15.23 18.18 -6.96
CA LEU J 68 15.94 19.05 -6.04
C LEU J 68 16.23 20.44 -6.70
N VAL J 69 16.35 20.39 -8.02
CA VAL J 69 16.50 21.54 -8.94
C VAL J 69 15.36 22.52 -8.81
N VAL J 70 14.18 22.01 -9.13
CA VAL J 70 12.95 22.86 -9.08
C VAL J 70 12.74 23.38 -7.66
N ALA J 71 13.24 22.60 -6.72
CA ALA J 71 13.11 22.90 -5.29
C ALA J 71 13.89 24.18 -4.94
N LEU J 72 15.16 24.18 -5.32
CA LEU J 72 16.05 25.34 -5.02
C LEU J 72 15.81 26.50 -6.01
N ALA J 73 15.34 26.12 -7.21
CA ALA J 73 15.00 27.06 -8.30
C ALA J 73 13.92 28.09 -7.91
N LEU J 74 13.07 27.68 -6.97
CA LEU J 74 12.06 28.59 -6.35
C LEU J 74 12.80 29.71 -5.54
N LEU J 75 13.80 29.25 -4.78
CA LEU J 75 14.40 30.03 -3.64
C LEU J 75 14.84 31.54 -3.86
N ASN K 2 -4.75 39.09 -3.54
CA ASN K 2 -5.36 38.09 -4.47
C ASN K 2 -4.23 37.35 -5.19
N PRO K 3 -3.23 38.11 -5.63
CA PRO K 3 -2.04 37.60 -6.31
C PRO K 3 -1.25 36.71 -5.39
N LEU K 4 -1.31 37.04 -4.10
CA LEU K 4 -0.63 36.21 -3.09
C LEU K 4 -1.16 34.74 -3.14
N ILE K 5 -2.49 34.61 -3.21
CA ILE K 5 -3.24 33.32 -3.33
C ILE K 5 -3.03 32.54 -4.64
N ALA K 6 -3.27 33.22 -5.73
CA ALA K 6 -2.97 32.72 -7.06
C ALA K 6 -1.49 32.20 -7.14
N ALA K 7 -0.59 32.91 -6.48
CA ALA K 7 0.89 32.61 -6.48
C ALA K 7 1.24 31.33 -5.74
N ALA K 8 0.70 31.25 -4.55
CA ALA K 8 0.73 30.01 -3.85
C ALA K 8 0.16 28.84 -4.72
N SER K 9 -0.92 29.07 -5.49
CA SER K 9 -1.55 28.05 -6.49
C SER K 9 -0.58 27.51 -7.53
N VAL K 10 0.06 28.44 -8.19
CA VAL K 10 1.19 28.14 -9.06
C VAL K 10 2.35 27.46 -8.34
N ILE K 11 2.66 27.92 -7.13
CA ILE K 11 3.73 27.35 -6.25
C ILE K 11 3.46 25.83 -5.99
N ALA K 12 2.35 25.54 -5.35
CA ALA K 12 1.90 24.18 -5.16
C ALA K 12 1.90 23.45 -6.50
N ALA K 13 1.18 23.94 -7.52
CA ALA K 13 1.09 23.27 -8.91
C ALA K 13 2.50 22.78 -9.38
N GLY K 14 3.47 23.64 -9.09
CA GLY K 14 4.91 23.38 -9.31
C GLY K 14 5.51 22.25 -8.50
N LEU K 15 5.23 22.31 -7.22
CA LEU K 15 5.62 21.26 -6.33
C LEU K 15 5.22 19.89 -6.89
N ALA K 16 3.96 19.81 -7.27
CA ALA K 16 3.26 18.57 -7.64
C ALA K 16 3.67 18.07 -9.04
N VAL K 17 4.58 18.80 -9.65
CA VAL K 17 5.48 18.15 -10.65
C VAL K 17 6.61 17.32 -9.94
N GLY K 18 6.86 17.63 -8.69
CA GLY K 18 7.79 16.82 -7.88
C GLY K 18 7.16 15.51 -7.39
N LEU K 19 5.86 15.49 -7.25
CA LEU K 19 5.14 14.30 -6.80
C LEU K 19 5.16 13.25 -7.91
N ALA K 20 5.02 13.77 -9.12
CA ALA K 20 4.95 12.96 -10.35
C ALA K 20 6.24 12.18 -10.60
N SER K 21 7.35 12.85 -10.37
CA SER K 21 8.68 12.28 -10.64
C SER K 21 8.91 10.99 -9.80
N ILE K 22 8.51 11.04 -8.55
CA ILE K 22 8.66 9.88 -7.65
C ILE K 22 7.89 8.66 -8.15
N GLY K 23 6.65 8.88 -8.57
CA GLY K 23 5.78 7.80 -9.09
C GLY K 23 6.40 7.19 -10.37
N PRO K 24 6.90 8.03 -11.28
CA PRO K 24 7.57 7.59 -12.52
C PRO K 24 8.87 6.88 -12.17
N GLY K 25 9.58 7.44 -11.19
CA GLY K 25 10.87 6.93 -10.76
C GLY K 25 10.75 5.48 -10.32
N VAL K 26 9.63 5.15 -9.73
CA VAL K 26 9.26 3.79 -9.47
C VAL K 26 9.45 2.82 -10.66
N GLY K 27 8.62 3.00 -11.69
CA GLY K 27 8.51 2.04 -12.83
C GLY K 27 9.78 1.94 -13.66
N GLN K 28 10.41 3.08 -13.84
CA GLN K 28 11.73 3.20 -14.54
C GLN K 28 12.81 2.34 -13.90
N GLY K 29 12.96 2.49 -12.60
CA GLY K 29 13.84 1.66 -11.79
C GLY K 29 13.61 0.19 -11.99
N THR K 30 12.35 -0.18 -12.23
CA THR K 30 11.90 -1.62 -12.40
C THR K 30 12.51 -2.22 -13.66
N ALA K 31 12.22 -1.53 -14.75
CA ALA K 31 12.73 -1.89 -16.06
C ALA K 31 14.25 -2.18 -15.92
N ALA K 32 14.95 -1.14 -15.46
CA ALA K 32 16.43 -1.14 -15.33
C ALA K 32 17.00 -2.28 -14.52
N GLY K 33 16.42 -2.44 -13.37
CA GLY K 33 16.85 -3.55 -12.54
C GLY K 33 16.81 -4.80 -13.35
N GLN K 34 15.60 -5.07 -13.84
CA GLN K 34 15.20 -6.33 -14.49
C GLN K 34 16.06 -6.57 -15.72
N ALA K 35 16.51 -5.49 -16.33
CA ALA K 35 17.37 -5.53 -17.52
C ALA K 35 18.83 -5.82 -17.15
N VAL K 36 19.32 -5.21 -16.09
CA VAL K 36 20.55 -5.59 -15.42
C VAL K 36 20.70 -7.14 -15.32
N GLU K 37 19.63 -7.68 -14.85
CA GLU K 37 19.52 -9.10 -14.55
C GLU K 37 19.33 -9.95 -15.81
N GLY K 38 18.29 -9.63 -16.57
CA GLY K 38 17.92 -10.39 -17.80
C GLY K 38 19.14 -10.57 -18.71
N ILE K 39 19.92 -9.49 -18.83
CA ILE K 39 21.14 -9.51 -19.66
C ILE K 39 22.13 -10.51 -19.03
N ALA K 40 22.28 -10.45 -17.72
CA ALA K 40 23.24 -11.34 -17.01
C ALA K 40 22.91 -12.82 -17.29
N ARG K 41 21.63 -13.15 -17.31
CA ARG K 41 21.15 -14.48 -17.67
C ARG K 41 21.65 -14.75 -19.08
N GLN K 42 21.58 -13.70 -19.91
CA GLN K 42 22.17 -13.70 -21.24
C GLN K 42 21.29 -14.28 -22.34
N PRO K 43 20.06 -14.68 -21.99
CA PRO K 43 19.14 -15.14 -23.04
C PRO K 43 18.84 -14.02 -24.06
N GLU K 44 18.50 -12.87 -23.53
CA GLU K 44 18.46 -11.61 -24.29
C GLU K 44 19.59 -10.71 -23.86
N ALA K 45 20.54 -11.29 -23.14
CA ALA K 45 21.63 -10.52 -22.49
C ALA K 45 22.53 -9.81 -23.51
N GLU K 46 22.81 -10.50 -24.60
CA GLU K 46 23.72 -9.94 -25.61
C GLU K 46 22.97 -9.33 -26.78
N GLY K 47 23.18 -8.04 -27.00
CA GLY K 47 22.58 -7.36 -28.14
C GLY K 47 21.19 -6.81 -27.90
N LYS K 48 20.59 -7.14 -26.76
CA LYS K 48 19.19 -6.77 -26.49
C LYS K 48 18.97 -5.88 -25.27
N ILE K 49 19.87 -5.98 -24.29
CA ILE K 49 19.69 -5.36 -22.97
C ILE K 49 19.58 -3.83 -23.02
N ARG K 50 20.46 -3.21 -23.78
CA ARG K 50 20.46 -1.76 -23.93
C ARG K 50 19.17 -1.21 -24.56
N GLY K 51 18.68 -1.91 -25.56
CA GLY K 51 17.63 -1.44 -26.46
C GLY K 51 16.29 -1.18 -25.82
N THR K 52 15.82 -2.16 -25.09
CA THR K 52 14.55 -1.92 -24.40
C THR K 52 14.75 -0.90 -23.26
N LEU K 53 15.96 -0.87 -22.70
CA LEU K 53 16.32 -0.06 -21.51
C LEU K 53 16.04 1.42 -21.75
N LEU K 54 16.63 1.89 -22.80
CA LEU K 54 16.26 3.20 -23.28
C LEU K 54 14.74 3.33 -23.38
N LEU K 55 14.12 2.38 -24.10
CA LEU K 55 12.67 2.47 -24.42
C LEU K 55 11.89 2.89 -23.19
N SER K 56 12.10 2.12 -22.14
CA SER K 56 11.44 2.41 -20.91
C SER K 56 12.11 3.59 -20.19
N LEU K 57 13.46 3.68 -20.13
CA LEU K 57 14.17 4.82 -19.46
C LEU K 57 13.57 6.12 -19.99
N ALA K 58 13.23 6.05 -21.25
CA ALA K 58 12.62 7.20 -21.93
C ALA K 58 11.22 7.52 -21.43
N PHE K 59 10.36 6.53 -21.54
CA PHE K 59 8.92 6.67 -21.18
C PHE K 59 8.73 7.27 -19.78
N MET K 60 9.68 6.95 -18.91
CA MET K 60 9.70 7.33 -17.49
C MET K 60 10.15 8.77 -17.33
N GLU K 61 11.27 9.11 -17.94
CA GLU K 61 11.76 10.51 -17.94
C GLU K 61 10.80 11.43 -18.73
N ALA K 62 10.02 10.81 -19.59
CA ALA K 62 9.03 11.50 -20.40
C ALA K 62 7.96 12.09 -19.52
N LEU K 63 7.32 11.23 -18.75
CA LEU K 63 6.19 11.63 -17.88
C LEU K 63 6.64 12.53 -16.69
N THR K 64 7.91 12.41 -16.31
CA THR K 64 8.57 13.26 -15.26
C THR K 64 8.90 14.68 -15.78
N ILE K 65 9.26 14.73 -17.05
CA ILE K 65 9.37 15.99 -17.79
C ILE K 65 7.99 16.61 -17.98
N TYR K 66 7.07 15.76 -18.40
CA TYR K 66 5.70 16.20 -18.75
C TYR K 66 5.16 17.02 -17.57
N GLY K 67 5.60 16.62 -16.38
CA GLY K 67 5.30 17.35 -15.15
C GLY K 67 6.11 18.63 -15.10
N LEU K 68 7.41 18.47 -15.18
CA LEU K 68 8.30 19.61 -15.17
C LEU K 68 7.84 20.70 -16.18
N VAL K 69 7.23 20.20 -17.24
CA VAL K 69 6.62 21.03 -18.30
C VAL K 69 5.46 21.85 -17.73
N VAL K 70 4.53 21.15 -17.08
CA VAL K 70 3.34 21.74 -16.39
C VAL K 70 3.78 22.77 -15.33
N ALA K 71 4.95 22.48 -14.81
CA ALA K 71 5.56 23.29 -13.74
C ALA K 71 5.95 24.67 -14.26
N LEU K 72 6.69 24.65 -15.35
CA LEU K 72 7.14 25.90 -15.99
C LEU K 72 6.00 26.57 -16.81
N ALA K 73 5.06 25.73 -17.26
CA ALA K 73 3.82 26.16 -18.00
C ALA K 73 2.88 27.08 -17.19
N LEU K 74 3.00 26.95 -15.89
CA LEU K 74 2.33 27.88 -14.98
C LEU K 74 2.98 29.31 -15.05
N LEU K 75 4.30 29.28 -14.99
CA LEU K 75 5.11 30.47 -14.54
C LEU K 75 4.55 31.90 -14.91
N ASN L 2 -15.37 36.55 -7.40
CA ASN L 2 -15.90 35.47 -8.26
C ASN L 2 -14.76 34.92 -9.14
N PRO L 3 -13.99 35.82 -9.76
CA PRO L 3 -12.81 35.45 -10.52
C PRO L 3 -11.78 34.68 -9.66
N LEU L 4 -11.76 35.04 -8.38
CA LEU L 4 -10.87 34.38 -7.40
C LEU L 4 -11.09 32.84 -7.33
N ILE L 5 -12.36 32.48 -7.18
CA ILE L 5 -12.85 31.04 -7.18
C ILE L 5 -12.66 30.32 -8.52
N ALA L 6 -13.13 30.92 -9.59
CA ALA L 6 -12.93 30.43 -10.96
C ALA L 6 -11.46 30.15 -11.25
N ALA L 7 -10.62 31.02 -10.70
CA ALA L 7 -9.15 30.94 -10.86
C ALA L 7 -8.53 29.77 -10.12
N ALA L 8 -8.87 29.69 -8.85
CA ALA L 8 -8.52 28.51 -8.10
C ALA L 8 -8.99 27.20 -8.85
N SER L 9 -10.17 27.24 -9.49
CA SER L 9 -10.74 26.08 -10.28
C SER L 9 -9.81 25.60 -11.35
N VAL L 10 -9.48 26.54 -12.19
CA VAL L 10 -8.47 26.28 -13.19
C VAL L 10 -7.17 25.72 -12.58
N ILE L 11 -6.71 26.30 -11.45
CA ILE L 11 -5.36 25.96 -10.74
C ILE L 11 -5.37 24.52 -10.30
N ALA L 12 -6.41 24.14 -9.58
CA ALA L 12 -6.69 22.74 -9.31
C ALA L 12 -6.87 21.88 -10.57
N ALA L 13 -7.83 22.21 -11.44
CA ALA L 13 -8.12 21.44 -12.71
C ALA L 13 -6.84 21.05 -13.45
N GLY L 14 -5.94 22.01 -13.45
CA GLY L 14 -4.61 21.71 -13.92
C GLY L 14 -4.05 20.53 -13.10
N LEU L 15 -3.71 20.77 -11.84
CA LEU L 15 -2.87 19.88 -10.92
C LEU L 15 -3.17 18.39 -11.00
N ALA L 16 -4.45 18.13 -11.04
CA ALA L 16 -5.04 16.78 -10.97
C ALA L 16 -4.94 16.07 -12.34
N VAL L 17 -4.42 16.78 -13.31
CA VAL L 17 -3.94 16.16 -14.50
C VAL L 17 -2.43 15.83 -14.27
N GLY L 18 -1.87 16.11 -13.06
CA GLY L 18 -0.52 15.71 -12.55
C GLY L 18 -0.60 14.36 -11.83
N LEU L 19 -1.80 13.98 -11.48
CA LEU L 19 -2.08 12.65 -10.91
C LEU L 19 -1.99 11.57 -11.97
N ALA L 20 -2.51 11.96 -13.11
CA ALA L 20 -2.58 11.08 -14.31
C ALA L 20 -1.23 10.44 -14.54
N SER L 21 -0.23 11.27 -14.32
CA SER L 21 1.17 10.98 -14.67
C SER L 21 1.73 9.91 -13.80
N ILE L 22 1.38 10.00 -12.55
CA ILE L 22 1.64 8.88 -11.68
C ILE L 22 1.17 7.57 -12.33
N GLY L 23 -0.16 7.47 -12.48
CA GLY L 23 -0.77 6.20 -12.71
C GLY L 23 -0.25 5.63 -14.02
N PRO L 24 -0.28 6.44 -15.13
CA PRO L 24 0.35 5.98 -16.43
C PRO L 24 1.78 5.50 -16.21
N GLY L 25 2.60 6.35 -15.59
CA GLY L 25 4.05 6.07 -15.49
C GLY L 25 4.28 4.73 -14.83
N VAL L 26 3.57 4.48 -13.74
CA VAL L 26 3.61 3.16 -13.10
C VAL L 26 3.04 2.08 -14.00
N GLY L 27 1.91 2.36 -14.65
CA GLY L 27 1.22 1.40 -15.48
C GLY L 27 1.95 0.95 -16.74
N GLN L 28 2.53 1.88 -17.47
CA GLN L 28 3.28 1.58 -18.72
C GLN L 28 4.50 0.70 -18.37
N GLY L 29 5.13 1.05 -17.26
CA GLY L 29 6.34 0.33 -16.75
C GLY L 29 6.14 -1.15 -16.62
N THR L 30 4.92 -1.55 -16.25
CA THR L 30 4.55 -2.99 -16.01
C THR L 30 4.63 -3.82 -17.30
N ALA L 31 3.98 -3.28 -18.30
CA ALA L 31 3.92 -3.89 -19.63
C ALA L 31 5.35 -4.19 -20.11
N ALA L 32 6.12 -3.09 -20.15
CA ALA L 32 7.51 -3.04 -20.63
C ALA L 32 8.44 -4.02 -19.90
N GLY L 33 8.35 -3.97 -18.58
CA GLY L 33 9.13 -4.90 -17.73
C GLY L 33 8.90 -6.35 -18.16
N GLN L 34 7.62 -6.70 -18.25
CA GLN L 34 7.19 -8.08 -18.53
C GLN L 34 7.53 -8.51 -19.97
N ALA L 35 7.59 -7.54 -20.84
CA ALA L 35 7.96 -7.78 -22.24
C ALA L 35 9.50 -7.93 -22.38
N VAL L 36 10.29 -7.08 -21.71
CA VAL L 36 11.81 -7.14 -21.62
C VAL L 36 12.25 -8.57 -21.25
N GLU L 37 11.46 -9.20 -20.41
CA GLU L 37 11.70 -10.57 -19.97
C GLU L 37 11.36 -11.55 -21.09
N GLY L 38 10.14 -11.48 -21.58
CA GLY L 38 9.65 -12.37 -22.65
C GLY L 38 10.64 -12.39 -23.81
N ILE L 39 11.03 -11.20 -24.21
CA ILE L 39 11.98 -10.98 -25.31
C ILE L 39 13.30 -11.69 -25.00
N ALA L 40 13.76 -11.56 -23.76
CA ALA L 40 15.05 -12.16 -23.39
C ALA L 40 15.04 -13.65 -23.75
N ARG L 41 13.92 -14.29 -23.50
CA ARG L 41 13.81 -15.74 -23.69
C ARG L 41 13.99 -16.22 -25.16
N GLN L 42 13.22 -15.65 -26.08
CA GLN L 42 13.20 -16.07 -27.48
C GLN L 42 13.32 -14.87 -28.40
N PRO L 43 14.35 -14.90 -29.25
CA PRO L 43 14.69 -13.79 -30.12
C PRO L 43 13.87 -13.89 -31.38
N GLU L 44 14.12 -14.92 -32.18
CA GLU L 44 13.31 -15.16 -33.36
C GLU L 44 11.89 -15.52 -32.93
N ALA L 45 11.81 -16.36 -31.93
CA ALA L 45 10.53 -16.80 -31.34
C ALA L 45 9.90 -15.72 -30.48
N GLU L 46 8.59 -15.76 -30.33
CA GLU L 46 7.87 -14.86 -29.45
C GLU L 46 7.68 -13.47 -30.10
N GLY L 47 7.52 -12.46 -29.26
CA GLY L 47 7.26 -11.09 -29.75
C GLY L 47 5.79 -10.81 -29.96
N LYS L 48 4.97 -11.76 -29.57
CA LYS L 48 3.49 -11.60 -29.62
C LYS L 48 3.11 -10.47 -28.65
N ILE L 49 3.80 -10.46 -27.51
CA ILE L 49 3.59 -9.44 -26.47
C ILE L 49 3.84 -8.03 -26.98
N ARG L 50 4.88 -7.90 -27.80
CA ARG L 50 5.26 -6.58 -28.34
C ARG L 50 4.10 -5.98 -29.14
N GLY L 51 3.45 -6.84 -29.92
CA GLY L 51 2.26 -6.44 -30.66
C GLY L 51 1.19 -6.02 -29.66
N THR L 52 1.10 -6.77 -28.59
CA THR L 52 0.17 -6.48 -27.50
C THR L 52 0.50 -5.13 -26.84
N LEU L 53 1.77 -4.83 -26.74
CA LEU L 53 2.25 -3.60 -26.06
C LEU L 53 1.68 -2.35 -26.72
N LEU L 54 1.65 -2.35 -28.04
CA LEU L 54 1.07 -1.23 -28.78
C LEU L 54 -0.38 -1.11 -28.36
N LEU L 55 -1.04 -2.26 -28.26
CA LEU L 55 -2.40 -2.36 -27.72
C LEU L 55 -2.50 -1.61 -26.38
N SER L 56 -1.63 -2.02 -25.50
CA SER L 56 -1.54 -1.43 -24.20
C SER L 56 -0.84 -0.08 -24.24
N LEU L 57 0.28 0.07 -24.98
CA LEU L 57 1.04 1.35 -25.12
C LEU L 57 0.04 2.46 -25.45
N ALA L 58 -0.93 2.04 -26.22
CA ALA L 58 -2.03 2.91 -26.61
C ALA L 58 -2.94 3.26 -25.44
N PHE L 59 -3.52 2.24 -24.86
CA PHE L 59 -4.52 2.44 -23.80
C PHE L 59 -4.06 3.39 -22.70
N MET L 60 -2.75 3.33 -22.50
CA MET L 60 -2.03 4.08 -21.47
C MET L 60 -1.92 5.50 -21.97
N GLU L 61 -1.35 5.68 -23.15
CA GLU L 61 -1.18 7.00 -23.79
C GLU L 61 -2.56 7.71 -23.98
N ALA L 62 -3.59 6.86 -23.99
CA ALA L 62 -5.00 7.27 -24.18
C ALA L 62 -5.58 8.03 -23.01
N LEU L 63 -5.50 7.40 -21.88
CA LEU L 63 -5.97 8.01 -20.63
C LEU L 63 -5.03 9.14 -20.12
N THR L 64 -3.75 9.00 -20.46
CA THR L 64 -2.70 10.01 -20.14
C THR L 64 -2.86 11.24 -21.00
N ILE L 65 -3.24 11.00 -22.24
CA ILE L 65 -3.63 12.07 -23.16
C ILE L 65 -4.88 12.75 -22.62
N TYR L 66 -5.83 11.91 -22.25
CA TYR L 66 -7.14 12.38 -21.81
C TYR L 66 -6.94 13.48 -20.74
N GLY L 67 -5.89 13.28 -19.99
CA GLY L 67 -5.43 14.28 -19.02
C GLY L 67 -4.73 15.44 -19.73
N LEU L 68 -3.71 15.10 -20.50
CA LEU L 68 -2.93 16.12 -21.23
C LEU L 68 -3.90 17.06 -21.95
N VAL L 69 -5.04 16.49 -22.32
CA VAL L 69 -6.13 17.24 -22.97
C VAL L 69 -6.65 18.32 -22.05
N VAL L 70 -7.07 17.90 -20.87
CA VAL L 70 -7.62 18.84 -19.88
C VAL L 70 -6.53 19.86 -19.45
N ALA L 71 -5.29 19.45 -19.61
CA ALA L 71 -4.12 20.27 -19.24
C ALA L 71 -3.99 21.47 -20.18
N LEU L 72 -3.98 21.17 -21.46
CA LEU L 72 -3.84 22.23 -22.48
C LEU L 72 -5.15 23.04 -22.63
N ALA L 73 -6.25 22.37 -22.33
CA ALA L 73 -7.62 22.93 -22.37
C ALA L 73 -7.84 24.10 -21.40
N LEU L 74 -7.04 24.10 -20.34
CA LEU L 74 -6.99 25.21 -19.38
C LEU L 74 -6.22 26.42 -19.97
N LEU L 75 -5.24 26.10 -20.78
CA LEU L 75 -4.46 27.07 -21.60
C LEU L 75 -5.38 27.82 -22.56
N ASN M 2 -21.06 33.47 -6.77
CA ASN M 2 -21.64 32.10 -6.86
C ASN M 2 -20.96 31.37 -8.02
N PRO M 3 -20.87 32.04 -9.18
CA PRO M 3 -20.18 31.47 -10.34
C PRO M 3 -18.72 31.16 -10.00
N LEU M 4 -18.17 31.94 -9.11
CA LEU M 4 -16.82 31.76 -8.64
C LEU M 4 -16.54 30.35 -8.07
N ILE M 5 -17.40 30.00 -7.14
CA ILE M 5 -17.44 28.66 -6.52
C ILE M 5 -17.75 27.52 -7.49
N ALA M 6 -18.85 27.65 -8.21
CA ALA M 6 -19.25 26.68 -9.24
C ALA M 6 -18.08 26.40 -10.19
N ALA M 7 -17.35 27.47 -10.50
CA ALA M 7 -16.22 27.44 -11.47
C ALA M 7 -15.05 26.64 -10.95
N ALA M 8 -14.70 26.97 -9.73
CA ALA M 8 -13.74 26.15 -9.02
C ALA M 8 -14.20 24.67 -9.00
N SER M 9 -15.48 24.44 -8.74
CA SER M 9 -16.04 23.04 -8.72
C SER M 9 -15.82 22.32 -10.03
N VAL M 10 -16.31 22.92 -11.09
CA VAL M 10 -16.11 22.37 -12.41
C VAL M 10 -14.57 22.16 -12.64
N ILE M 11 -13.74 23.12 -12.23
CA ILE M 11 -12.30 23.05 -12.49
C ILE M 11 -11.66 21.81 -11.79
N ALA M 12 -11.88 21.67 -10.50
CA ALA M 12 -11.51 20.44 -9.81
C ALA M 12 -12.16 19.22 -10.45
N ALA M 13 -13.48 19.22 -10.60
CA ALA M 13 -14.28 18.05 -11.16
C ALA M 13 -13.60 17.45 -12.39
N GLY M 14 -13.13 18.37 -13.19
CA GLY M 14 -12.30 17.95 -14.31
C GLY M 14 -11.12 17.12 -13.82
N LEU M 15 -10.27 17.77 -13.04
CA LEU M 15 -8.94 17.28 -12.62
C LEU M 15 -8.87 15.85 -12.01
N ALA M 16 -9.88 15.57 -11.20
CA ALA M 16 -10.01 14.33 -10.38
C ALA M 16 -10.52 13.13 -11.21
N VAL M 17 -10.78 13.41 -12.47
CA VAL M 17 -10.87 12.42 -13.50
C VAL M 17 -9.48 12.20 -14.14
N GLY M 18 -8.47 12.92 -13.67
CA GLY M 18 -7.01 12.72 -13.93
C GLY M 18 -6.37 11.80 -12.91
N LEU M 19 -7.06 11.60 -11.81
CA LEU M 19 -6.60 10.62 -10.81
C LEU M 19 -6.85 9.21 -11.34
N ALA M 20 -8.00 9.11 -12.01
CA ALA M 20 -8.55 7.82 -12.57
C ALA M 20 -7.49 7.10 -13.35
N SER M 21 -6.76 7.95 -14.00
CA SER M 21 -5.76 7.56 -14.96
C SER M 21 -4.64 6.81 -14.29
N ILE M 22 -4.27 7.28 -13.12
CA ILE M 22 -3.38 6.56 -12.30
C ILE M 22 -3.75 5.07 -12.33
N GLY M 23 -4.88 4.76 -11.75
CA GLY M 23 -5.17 3.38 -11.39
C GLY M 23 -5.21 2.54 -12.65
N PRO M 24 -5.99 3.05 -13.62
CA PRO M 24 -6.16 2.47 -14.93
C PRO M 24 -4.80 2.08 -15.55
N GLY M 25 -3.90 3.04 -15.56
CA GLY M 25 -2.61 2.85 -16.24
C GLY M 25 -1.92 1.62 -15.69
N VAL M 26 -2.08 1.40 -14.40
CA VAL M 26 -1.55 0.23 -13.77
C VAL M 26 -2.05 -1.06 -14.45
N GLY M 27 -3.35 -1.25 -14.52
CA GLY M 27 -3.97 -2.53 -14.98
C GLY M 27 -3.72 -2.87 -16.42
N GLN M 28 -3.78 -1.84 -17.23
CA GLN M 28 -3.47 -1.94 -18.65
C GLN M 28 -2.12 -2.58 -18.89
N GLY M 29 -1.14 -2.00 -18.21
CA GLY M 29 0.26 -2.52 -18.23
C GLY M 29 0.37 -4.00 -17.89
N THR M 30 -0.51 -4.44 -17.01
CA THR M 30 -0.48 -5.82 -16.49
C THR M 30 -0.96 -6.82 -17.60
N ALA M 31 -2.06 -6.48 -18.26
CA ALA M 31 -2.62 -7.28 -19.35
C ALA M 31 -1.52 -7.57 -20.37
N ALA M 32 -0.95 -6.46 -20.82
CA ALA M 32 0.14 -6.39 -21.83
C ALA M 32 1.41 -7.20 -21.49
N GLY M 33 1.87 -6.97 -20.28
CA GLY M 33 3.02 -7.74 -19.71
C GLY M 33 2.81 -9.26 -19.76
N GLN M 34 1.64 -9.67 -19.34
CA GLN M 34 1.34 -11.12 -19.32
C GLN M 34 1.09 -11.74 -20.68
N ALA M 35 0.63 -10.91 -21.59
CA ALA M 35 0.43 -11.35 -22.97
C ALA M 35 1.77 -11.42 -23.74
N VAL M 36 2.67 -10.42 -23.58
CA VAL M 36 4.07 -10.43 -24.22
C VAL M 36 4.77 -11.75 -23.88
N GLU M 37 4.49 -12.27 -22.69
CA GLU M 37 5.05 -13.56 -22.19
C GLU M 37 4.38 -14.74 -22.90
N GLY M 38 3.06 -14.79 -22.81
CA GLY M 38 2.32 -15.88 -23.45
C GLY M 38 2.73 -16.06 -24.91
N ILE M 39 2.75 -14.94 -25.61
CA ILE M 39 3.08 -14.92 -27.05
C ILE M 39 4.51 -15.44 -27.28
N ALA M 40 5.43 -15.07 -26.41
CA ALA M 40 6.81 -15.54 -26.59
C ALA M 40 6.87 -17.06 -26.74
N ARG M 41 6.04 -17.74 -25.95
CA ARG M 41 6.07 -19.21 -25.81
C ARG M 41 5.79 -20.00 -27.10
N GLN M 42 4.77 -19.58 -27.83
CA GLN M 42 4.33 -20.36 -28.98
C GLN M 42 4.22 -19.54 -30.27
N PRO M 43 4.85 -20.05 -31.34
CA PRO M 43 4.62 -19.52 -32.69
C PRO M 43 3.16 -19.76 -33.01
N GLU M 44 2.69 -20.89 -32.53
CA GLU M 44 1.25 -21.14 -32.46
C GLU M 44 0.65 -20.05 -31.60
N ALA M 45 1.41 -19.64 -30.58
CA ALA M 45 1.05 -18.52 -29.72
C ALA M 45 1.47 -17.24 -30.47
N GLU M 46 0.95 -17.13 -31.68
CA GLU M 46 1.15 -15.95 -32.49
C GLU M 46 0.08 -15.75 -33.53
N GLY M 47 -0.23 -14.48 -33.77
CA GLY M 47 -1.07 -14.05 -34.88
C GLY M 47 -2.54 -14.11 -34.53
N LYS M 48 -2.85 -14.75 -33.41
CA LYS M 48 -4.15 -14.61 -32.73
C LYS M 48 -3.93 -13.91 -31.40
N ILE M 49 -2.76 -14.18 -30.85
CA ILE M 49 -2.33 -13.71 -29.57
C ILE M 49 -2.23 -12.21 -29.50
N ARG M 50 -1.70 -11.61 -30.54
CA ARG M 50 -1.56 -10.16 -30.54
C ARG M 50 -2.99 -9.53 -30.82
N GLY M 51 -3.85 -10.32 -31.49
CA GLY M 51 -5.26 -9.99 -31.80
C GLY M 51 -6.07 -9.62 -30.58
N THR M 52 -5.90 -10.40 -29.53
CA THR M 52 -6.50 -10.05 -28.23
C THR M 52 -5.82 -8.79 -27.58
N LEU M 53 -4.52 -8.60 -27.86
CA LEU M 53 -3.67 -7.51 -27.30
C LEU M 53 -4.22 -6.14 -27.59
N LEU M 54 -4.40 -5.95 -28.86
CA LEU M 54 -5.21 -4.85 -29.31
C LEU M 54 -6.54 -4.78 -28.51
N LEU M 55 -7.28 -5.90 -28.51
CA LEU M 55 -8.66 -5.95 -27.93
C LEU M 55 -8.67 -5.24 -26.59
N SER M 56 -7.76 -5.68 -25.76
CA SER M 56 -7.63 -5.09 -24.47
C SER M 56 -6.91 -3.73 -24.51
N LEU M 57 -5.81 -3.60 -25.25
CA LEU M 57 -5.10 -2.32 -25.34
C LEU M 57 -6.09 -1.19 -25.65
N ALA M 58 -7.06 -1.58 -26.43
CA ALA M 58 -8.17 -0.66 -26.83
C ALA M 58 -9.13 -0.31 -25.70
N PHE M 59 -9.68 -1.35 -25.11
CA PHE M 59 -10.66 -1.22 -24.02
C PHE M 59 -10.14 -0.28 -22.90
N MET M 60 -8.82 -0.28 -22.75
CA MET M 60 -8.10 0.42 -21.70
C MET M 60 -7.99 1.87 -22.05
N GLU M 61 -7.51 2.11 -23.25
CA GLU M 61 -7.47 3.46 -23.76
C GLU M 61 -8.88 4.12 -23.82
N ALA M 62 -9.87 3.24 -23.97
CA ALA M 62 -11.28 3.62 -24.15
C ALA M 62 -11.82 4.31 -22.91
N LEU M 63 -11.68 3.59 -21.83
CA LEU M 63 -12.15 4.06 -20.53
C LEU M 63 -11.32 5.28 -19.99
N THR M 64 -10.09 5.41 -20.48
CA THR M 64 -9.16 6.54 -20.19
C THR M 64 -9.59 7.84 -20.85
N ILE M 65 -10.11 7.66 -22.02
CA ILE M 65 -10.79 8.75 -22.68
C ILE M 65 -12.08 9.04 -21.96
N TYR M 66 -12.82 7.99 -21.71
CA TYR M 66 -14.16 8.07 -21.14
C TYR M 66 -14.11 9.00 -19.93
N GLY M 67 -12.95 8.96 -19.26
CA GLY M 67 -12.65 9.89 -18.18
C GLY M 67 -12.38 11.28 -18.74
N LEU M 68 -11.38 11.37 -19.60
CA LEU M 68 -11.04 12.69 -20.19
C LEU M 68 -12.33 13.39 -20.73
N VAL M 69 -13.28 12.54 -21.12
CA VAL M 69 -14.64 12.93 -21.57
C VAL M 69 -15.40 13.62 -20.46
N VAL M 70 -15.53 12.89 -19.36
CA VAL M 70 -16.22 13.38 -18.15
C VAL M 70 -15.54 14.68 -17.63
N ALA M 71 -14.25 14.77 -17.93
CA ALA M 71 -13.38 15.90 -17.55
C ALA M 71 -13.80 17.18 -18.25
N LEU M 72 -13.87 17.08 -19.57
CA LEU M 72 -14.29 18.24 -20.38
C LEU M 72 -15.84 18.46 -20.35
N ALA M 73 -16.56 17.35 -20.10
CA ALA M 73 -18.04 17.35 -19.95
C ALA M 73 -18.55 18.22 -18.78
N LEU M 74 -17.69 18.39 -17.78
CA LEU M 74 -17.95 19.31 -16.64
C LEU M 74 -17.89 20.77 -17.16
N LEU M 75 -16.99 21.00 -18.12
CA LEU M 75 -16.69 22.32 -18.77
C LEU M 75 -17.90 22.99 -19.51
N ASN N 2 -26.35 29.59 -2.29
CA ASN N 2 -26.43 28.24 -1.67
C ASN N 2 -26.20 27.21 -2.76
N PRO N 3 -26.91 27.37 -3.88
CA PRO N 3 -26.75 26.51 -5.03
C PRO N 3 -25.31 26.51 -5.54
N LEU N 4 -24.66 27.65 -5.38
CA LEU N 4 -23.26 27.80 -5.80
C LEU N 4 -22.34 26.78 -5.11
N ILE N 5 -22.49 26.72 -3.79
CA ILE N 5 -21.79 25.74 -2.91
C ILE N 5 -22.17 24.25 -3.13
N ALA N 6 -23.46 23.95 -3.15
CA ALA N 6 -24.00 22.62 -3.48
C ALA N 6 -23.47 22.12 -4.84
N ALA N 7 -23.35 23.06 -5.77
CA ALA N 7 -22.87 22.79 -7.15
C ALA N 7 -21.39 22.40 -7.20
N ALA N 8 -20.59 23.22 -6.55
CA ALA N 8 -19.19 22.87 -6.35
C ALA N 8 -19.05 21.48 -5.68
N SER N 9 -19.93 21.16 -4.73
CA SER N 9 -20.00 19.79 -4.08
C SER N 9 -20.20 18.65 -5.06
N VAL N 10 -21.28 18.74 -5.80
CA VAL N 10 -21.58 17.76 -6.84
C VAL N 10 -20.43 17.70 -7.85
N ILE N 11 -19.79 18.84 -8.13
CA ILE N 11 -18.60 18.94 -9.05
C ILE N 11 -17.39 18.12 -8.51
N ALA N 12 -16.86 18.49 -7.36
CA ALA N 12 -15.83 17.69 -6.68
C ALA N 12 -16.22 16.22 -6.56
N ALA N 13 -17.42 15.95 -6.05
CA ALA N 13 -17.98 14.53 -5.92
C ALA N 13 -17.81 13.71 -7.21
N GLY N 14 -18.16 14.37 -8.30
CA GLY N 14 -17.98 13.84 -9.65
C GLY N 14 -16.54 13.46 -9.92
N LEU N 15 -15.64 14.41 -9.70
CA LEU N 15 -14.19 14.25 -9.93
C LEU N 15 -13.59 12.97 -9.33
N ALA N 16 -14.01 12.76 -8.10
CA ALA N 16 -13.51 11.67 -7.24
C ALA N 16 -14.16 10.34 -7.62
N VAL N 17 -15.10 10.42 -8.50
CA VAL N 17 -15.47 9.20 -9.12
C VAL N 17 -14.41 8.93 -10.23
N GLY N 18 -13.63 9.93 -10.62
CA GLY N 18 -12.67 9.78 -11.69
C GLY N 18 -11.48 9.08 -11.10
N LEU N 19 -11.28 9.23 -9.82
CA LEU N 19 -10.18 8.55 -9.15
C LEU N 19 -10.42 7.02 -9.15
N ALA N 20 -11.64 6.73 -8.82
CA ALA N 20 -12.03 5.34 -8.65
C ALA N 20 -11.61 4.49 -9.88
N SER N 21 -11.81 5.11 -11.03
CA SER N 21 -11.69 4.42 -12.35
C SER N 21 -10.29 3.90 -12.63
N ILE N 22 -9.30 4.66 -12.23
CA ILE N 22 -7.94 4.31 -12.50
C ILE N 22 -7.64 2.95 -11.89
N GLY N 23 -8.10 2.72 -10.66
CA GLY N 23 -7.90 1.42 -9.97
C GLY N 23 -8.56 0.29 -10.74
N PRO N 24 -9.77 0.55 -11.29
CA PRO N 24 -10.50 -0.46 -12.04
C PRO N 24 -9.76 -0.96 -13.29
N GLY N 25 -9.18 -0.03 -14.02
CA GLY N 25 -8.39 -0.37 -15.21
C GLY N 25 -7.20 -1.27 -14.92
N VAL N 26 -6.52 -1.01 -13.82
CA VAL N 26 -5.38 -1.82 -13.39
C VAL N 26 -5.80 -3.25 -13.16
N GLY N 27 -6.93 -3.42 -12.50
CA GLY N 27 -7.45 -4.75 -12.19
C GLY N 27 -7.82 -5.57 -13.43
N GLN N 28 -8.49 -4.93 -14.37
CA GLN N 28 -8.89 -5.58 -15.63
C GLN N 28 -7.66 -6.01 -16.43
N GLY N 29 -6.68 -5.12 -16.43
CA GLY N 29 -5.41 -5.37 -17.12
C GLY N 29 -4.74 -6.64 -16.62
N THR N 30 -4.91 -6.95 -15.34
CA THR N 30 -4.19 -8.10 -14.65
C THR N 30 -4.68 -9.41 -15.23
N ALA N 31 -5.99 -9.52 -15.24
CA ALA N 31 -6.67 -10.70 -15.76
C ALA N 31 -6.11 -11.04 -17.15
N ALA N 32 -6.23 -10.04 -18.00
CA ALA N 32 -5.84 -10.10 -19.44
C ALA N 32 -4.41 -10.48 -19.72
N GLY N 33 -3.56 -9.77 -19.05
CA GLY N 33 -2.16 -10.14 -19.17
C GLY N 33 -2.03 -11.65 -18.95
N GLN N 34 -2.45 -12.08 -17.75
CA GLN N 34 -2.24 -13.45 -17.16
C GLN N 34 -2.90 -14.52 -17.97
N ALA N 35 -3.92 -14.10 -18.68
CA ALA N 35 -4.59 -14.99 -19.58
C ALA N 35 -3.80 -15.12 -20.89
N VAL N 36 -3.35 -14.02 -21.47
CA VAL N 36 -2.50 -14.03 -22.68
C VAL N 36 -1.26 -14.96 -22.52
N GLU N 37 -0.74 -14.94 -21.30
CA GLU N 37 0.40 -15.82 -20.93
C GLU N 37 -0.06 -17.29 -20.75
N GLY N 38 -1.10 -17.51 -19.94
CA GLY N 38 -1.60 -18.89 -19.68
C GLY N 38 -1.88 -19.62 -20.99
N ILE N 39 -2.54 -18.90 -21.89
CA ILE N 39 -2.88 -19.41 -23.24
C ILE N 39 -1.63 -19.77 -24.03
N ALA N 40 -0.62 -18.93 -23.93
CA ALA N 40 0.63 -19.21 -24.68
C ALA N 40 1.17 -20.61 -24.33
N ARG N 41 1.04 -20.97 -23.06
CA ARG N 41 1.48 -22.25 -22.57
C ARG N 41 0.29 -23.14 -22.17
N GLN N 42 0.20 -24.34 -22.74
CA GLN N 42 -0.88 -25.28 -22.41
C GLN N 42 -1.08 -26.23 -23.60
N PRO N 43 -2.08 -27.11 -23.50
CA PRO N 43 -2.32 -28.08 -24.56
C PRO N 43 -3.66 -27.86 -25.27
N GLU N 44 -3.62 -27.95 -26.60
CA GLU N 44 -4.82 -27.73 -27.42
C GLU N 44 -5.02 -26.26 -27.70
N ALA N 45 -6.13 -25.94 -28.36
CA ALA N 45 -6.40 -24.56 -28.79
C ALA N 45 -6.54 -23.63 -27.58
N GLU N 46 -7.19 -24.13 -26.54
CA GLU N 46 -7.41 -23.37 -25.31
C GLU N 46 -8.13 -22.03 -25.66
N GLY N 47 -9.09 -22.11 -26.59
CA GLY N 47 -9.85 -20.92 -27.02
C GLY N 47 -10.64 -20.30 -25.87
N LYS N 48 -11.17 -21.16 -24.99
CA LYS N 48 -12.00 -20.71 -23.84
C LYS N 48 -11.31 -19.56 -23.10
N ILE N 49 -10.00 -19.67 -23.02
CA ILE N 49 -9.17 -18.71 -22.29
C ILE N 49 -9.53 -17.28 -22.70
N ARG N 50 -9.36 -16.95 -23.98
CA ARG N 50 -9.67 -15.57 -24.40
C ARG N 50 -11.13 -15.20 -24.03
N GLY N 51 -11.98 -16.20 -24.10
CA GLY N 51 -13.37 -16.10 -23.69
C GLY N 51 -13.57 -15.62 -22.26
N THR N 52 -12.82 -16.17 -21.31
CA THR N 52 -12.81 -15.66 -19.91
C THR N 52 -12.22 -14.25 -19.82
N LEU N 53 -11.27 -13.95 -20.71
CA LEU N 53 -10.56 -12.64 -20.72
C LEU N 53 -11.51 -11.47 -20.91
N LEU N 54 -12.26 -11.57 -21.97
CA LEU N 54 -13.39 -10.68 -22.13
C LEU N 54 -14.25 -10.66 -20.85
N LEU N 55 -14.61 -11.85 -20.37
CA LEU N 55 -15.51 -11.99 -19.20
C LEU N 55 -15.12 -11.02 -18.10
N SER N 56 -13.89 -11.15 -17.70
CA SER N 56 -13.41 -10.26 -16.65
C SER N 56 -13.10 -8.86 -17.17
N LEU N 57 -12.47 -8.69 -18.35
CA LEU N 57 -12.22 -7.32 -18.98
C LEU N 57 -13.50 -6.51 -18.97
N ALA N 58 -14.58 -7.25 -19.15
CA ALA N 58 -15.90 -6.65 -19.11
C ALA N 58 -16.33 -6.22 -17.70
N PHE N 59 -16.35 -7.20 -16.79
CA PHE N 59 -16.83 -7.03 -15.40
C PHE N 59 -16.21 -5.80 -14.75
N MET N 60 -14.99 -5.56 -15.18
CA MET N 60 -14.13 -4.48 -14.72
C MET N 60 -14.62 -3.14 -15.28
N GLU N 61 -14.65 -3.05 -16.60
CA GLU N 61 -15.09 -1.79 -17.28
C GLU N 61 -16.53 -1.47 -16.87
N ALA N 62 -17.21 -2.51 -16.41
CA ALA N 62 -18.65 -2.50 -16.01
C ALA N 62 -18.88 -1.70 -14.76
N LEU N 63 -18.22 -2.13 -13.74
CA LEU N 63 -18.40 -1.47 -12.51
C LEU N 63 -17.84 0.00 -12.59
N THR N 64 -16.96 0.29 -13.57
CA THR N 64 -16.30 1.64 -13.83
C THR N 64 -17.25 2.64 -14.42
N ILE N 65 -18.06 2.13 -15.30
CA ILE N 65 -19.14 2.94 -15.78
C ILE N 65 -20.22 3.06 -14.67
N TYR N 66 -20.49 1.96 -13.95
CA TYR N 66 -21.57 1.85 -12.89
C TYR N 66 -21.37 2.99 -11.90
N GLY N 67 -20.11 3.34 -11.73
CA GLY N 67 -19.76 4.52 -10.92
C GLY N 67 -20.04 5.79 -11.70
N LEU N 68 -19.42 5.90 -12.86
CA LEU N 68 -19.60 7.13 -13.69
C LEU N 68 -21.11 7.41 -13.85
N VAL N 69 -21.86 6.33 -13.83
CA VAL N 69 -23.33 6.34 -13.92
C VAL N 69 -23.93 7.05 -12.74
N VAL N 70 -23.59 6.56 -11.55
CA VAL N 70 -24.08 7.12 -10.29
C VAL N 70 -23.63 8.62 -10.15
N ALA N 71 -22.51 8.90 -10.80
CA ALA N 71 -21.88 10.25 -10.81
C ALA N 71 -22.80 11.25 -11.53
N LEU N 72 -23.16 10.88 -12.75
CA LEU N 72 -24.03 11.75 -13.60
C LEU N 72 -25.53 11.66 -13.20
N ALA N 73 -25.87 10.50 -12.62
CA ALA N 73 -27.24 10.21 -12.08
C ALA N 73 -27.68 11.18 -10.98
N LEU N 74 -26.69 11.73 -10.28
CA LEU N 74 -26.92 12.78 -9.29
C LEU N 74 -27.36 14.08 -10.02
N LEU N 75 -26.69 14.33 -11.15
CA LEU N 75 -26.80 15.59 -11.96
C LEU N 75 -28.22 15.98 -12.43
#